data_3QK7
#
_entry.id   3QK7
#
_cell.length_a   96.700
_cell.length_b   96.700
_cell.length_c   256.118
_cell.angle_alpha   90.000
_cell.angle_beta   90.000
_cell.angle_gamma   90.000
#
_symmetry.space_group_name_H-M   'I 41'
#
loop_
_entity.id
_entity.type
_entity.pdbx_description
1 polymer 'Transcriptional regulators'
2 water water
#
_entity_poly.entity_id   1
_entity_poly.type   'polypeptide(L)'
_entity_poly.pdbx_seq_one_letter_code
;(MSE)SLGRTDAIALAYPSRPRVLNNSTFLE(MSE)ISWIGIELGKRGLDLLLIPDEPGEKYQSLIHLVETRRVDALIVA
HTQPEDFRLQYLQKQNFPFLALGRSHLPKPYAWFDFDNHAGASLAVKRLLELGHQRIAFVSTDARISYVDQRLQGYVQT
(MSE)SEAGL(MSE)PLAGYLQKADPTRPGGYLAASRLLALEVPPTAIITDCN(MSE)LGDGVASALDKAGLLGGEGISL
IAYDGLPDDSLLDIAVTPIVQNTRTSVGKQIAS(MSE)ICDLLGGKDPKELQVLWQPEIGEGETDGVNRRGEGHHHHHH
;
_entity_poly.pdbx_strand_id   A,B,C
#
# COMPACT_ATOMS: atom_id res chain seq x y z
N ARG A 5 39.91 2.45 33.95
CA ARG A 5 38.42 2.49 34.12
C ARG A 5 37.78 3.77 33.60
N THR A 6 36.74 3.63 32.79
CA THR A 6 36.03 4.77 32.18
C THR A 6 34.73 5.06 32.93
N ASP A 7 34.14 4.00 33.48
CA ASP A 7 32.92 4.11 34.26
C ASP A 7 31.66 4.36 33.42
N ALA A 8 31.80 4.21 32.11
CA ALA A 8 30.66 4.29 31.22
C ALA A 8 30.23 2.88 30.77
N ILE A 9 28.92 2.68 30.68
CA ILE A 9 28.37 1.47 30.09
C ILE A 9 27.65 1.83 28.80
N ALA A 10 27.83 1.00 27.79
CA ALA A 10 27.12 1.17 26.55
C ALA A 10 25.97 0.18 26.52
N LEU A 11 24.85 0.63 25.97
CA LEU A 11 23.74 -0.24 25.64
C LEU A 11 23.53 -0.13 24.13
N ALA A 12 23.65 -1.27 23.45
CA ALA A 12 23.50 -1.34 22.01
C ALA A 12 22.16 -1.95 21.64
N TYR A 13 21.35 -1.18 20.92
CA TYR A 13 20.11 -1.70 20.35
C TYR A 13 19.99 -1.29 18.88
N PRO A 14 19.48 -2.19 18.02
CA PRO A 14 19.25 -1.88 16.61
C PRO A 14 18.00 -1.02 16.38
N SER A 15 18.09 -0.05 15.45
CA SER A 15 16.95 0.81 15.11
C SER A 15 15.82 0.05 14.42
N ARG A 16 16.19 -0.98 13.68
CA ARG A 16 15.23 -1.83 12.97
C ARG A 16 15.27 -3.23 13.56
N PRO A 17 14.11 -3.89 13.67
CA PRO A 17 12.75 -3.45 13.33
C PRO A 17 12.16 -2.42 14.29
N ARG A 18 11.91 -1.20 13.80
CA ARG A 18 11.31 -0.13 14.60
C ARG A 18 10.25 -0.57 15.59
N VAL A 19 9.30 -1.41 15.14
CA VAL A 19 8.15 -1.84 15.98
C VAL A 19 8.54 -2.37 17.35
N LEU A 20 9.66 -3.09 17.42
CA LEU A 20 10.16 -3.65 18.66
C LEU A 20 10.76 -2.58 19.58
N ASN A 21 11.05 -1.40 19.02
CA ASN A 21 11.49 -0.27 19.81
C ASN A 21 10.34 0.54 20.36
N ASN A 22 9.61 -0.10 21.28
CA ASN A 22 8.40 0.46 21.87
C ASN A 22 8.58 1.08 23.26
N SER A 23 7.47 1.48 23.86
CA SER A 23 7.49 2.30 25.07
C SER A 23 8.01 1.52 26.26
N THR A 24 7.63 0.24 26.31
CA THR A 24 8.15 -0.72 27.27
C THR A 24 9.67 -0.87 27.11
N PHE A 25 10.15 -0.92 25.87
CA PHE A 25 11.60 -0.94 25.62
C PHE A 25 12.28 0.33 26.15
N LEU A 26 11.76 1.49 25.79
CA LEU A 26 12.28 2.77 26.28
C LEU A 26 12.26 2.80 27.79
N GLU A 27 11.25 2.15 28.38
CA GLU A 27 11.12 2.10 29.84
C GLU A 27 12.24 1.29 30.44
N MSE A 28 12.56 0.16 29.83
CA MSE A 28 13.66 -0.65 30.31
C MSE A 28 14.99 0.10 30.25
O MSE A 28 15.75 0.11 31.21
CB MSE A 28 13.74 -1.94 29.54
CG MSE A 28 14.67 -2.92 30.19
SE MSE A 28 15.02 -4.43 29.02
CE MSE A 28 15.73 -3.50 27.42
N ILE A 29 15.25 0.74 29.11
CA ILE A 29 16.38 1.65 28.99
C ILE A 29 16.38 2.65 30.15
N SER A 30 15.21 3.26 30.38
CA SER A 30 15.05 4.28 31.41
C SER A 30 15.65 3.79 32.71
N TRP A 31 15.27 2.57 33.09
CA TRP A 31 15.70 2.01 34.37
C TRP A 31 17.09 1.38 34.36
N ILE A 32 17.56 0.95 33.19
CA ILE A 32 18.96 0.59 33.04
C ILE A 32 19.79 1.77 33.49
N GLY A 33 19.40 2.96 33.02
CA GLY A 33 20.18 4.19 33.21
C GLY A 33 20.19 4.65 34.64
N ILE A 34 18.99 4.75 35.21
CA ILE A 34 18.78 5.14 36.59
C ILE A 34 19.57 4.24 37.54
N GLU A 35 19.40 2.92 37.38
CA GLU A 35 20.01 1.94 38.27
C GLU A 35 21.53 1.87 38.21
N LEU A 36 22.08 1.95 36.99
CA LEU A 36 23.52 2.14 36.82
C LEU A 36 23.95 3.48 37.43
N GLY A 37 23.13 4.51 37.25
CA GLY A 37 23.39 5.84 37.81
C GLY A 37 23.41 5.85 39.33
N LYS A 38 22.51 5.07 39.94
CA LYS A 38 22.52 4.86 41.38
C LYS A 38 23.86 4.29 41.80
N ARG A 39 24.46 3.49 40.93
CA ARG A 39 25.72 2.82 41.25
C ARG A 39 26.90 3.53 40.60
N GLY A 40 26.74 4.83 40.36
CA GLY A 40 27.82 5.71 39.87
C GLY A 40 28.34 5.51 38.45
N LEU A 41 27.60 4.79 37.62
CA LEU A 41 28.01 4.47 36.23
C LEU A 41 27.14 5.16 35.18
N ASP A 42 27.79 5.77 34.18
CA ASP A 42 27.11 6.47 33.10
C ASP A 42 26.54 5.53 32.05
N LEU A 43 25.49 5.98 31.36
CA LEU A 43 24.91 5.19 30.29
C LEU A 43 25.14 5.81 28.91
N LEU A 44 26.07 5.21 28.17
CA LEU A 44 26.26 5.54 26.76
C LEU A 44 25.24 4.77 25.97
N LEU A 45 24.50 5.46 25.12
CA LEU A 45 23.49 4.81 24.33
C LEU A 45 23.92 4.76 22.89
N ILE A 46 23.96 3.56 22.32
CA ILE A 46 24.31 3.43 20.91
C ILE A 46 23.22 2.74 20.10
N PRO A 47 22.36 3.55 19.45
CA PRO A 47 21.44 2.93 18.53
C PRO A 47 22.22 2.56 17.30
N ASP A 48 21.89 1.44 16.67
CA ASP A 48 22.57 1.04 15.46
C ASP A 48 21.83 1.60 14.25
N GLU A 49 22.55 2.31 13.38
CA GLU A 49 22.04 2.70 12.06
C GLU A 49 21.18 1.62 11.43
N PRO A 50 20.07 2.01 10.77
CA PRO A 50 19.43 1.02 9.89
C PRO A 50 20.50 0.46 8.96
N GLY A 51 20.74 -0.84 9.10
CA GLY A 51 21.87 -1.49 8.44
C GLY A 51 22.44 -2.63 9.28
N GLU A 52 22.39 -2.49 10.61
CA GLU A 52 22.84 -3.51 11.57
C GLU A 52 24.33 -3.85 11.41
N LYS A 53 25.11 -2.87 10.96
CA LYS A 53 26.55 -2.99 10.79
C LYS A 53 27.34 -2.82 12.10
N TYR A 54 26.71 -2.20 13.09
CA TYR A 54 27.26 -1.93 14.44
C TYR A 54 28.66 -1.31 14.51
N GLN A 55 28.91 -0.37 13.60
CA GLN A 55 30.13 0.42 13.53
C GLN A 55 30.45 1.14 14.84
N SER A 56 29.45 1.77 15.45
CA SER A 56 29.68 2.57 16.68
C SER A 56 30.00 1.68 17.87
N LEU A 57 29.45 0.47 17.85
CA LEU A 57 29.79 -0.56 18.83
C LEU A 57 31.27 -0.92 18.70
N ILE A 58 31.69 -1.26 17.49
CA ILE A 58 33.08 -1.63 17.23
C ILE A 58 33.97 -0.46 17.64
N HIS A 59 33.64 0.73 17.15
CA HIS A 59 34.37 1.94 17.49
C HIS A 59 34.59 1.98 18.99
N LEU A 60 33.50 1.82 19.73
CA LEU A 60 33.50 1.82 21.19
C LEU A 60 34.43 0.73 21.76
N VAL A 61 34.33 -0.48 21.22
CA VAL A 61 35.16 -1.62 21.65
C VAL A 61 36.65 -1.38 21.38
N GLU A 62 36.96 -0.86 20.19
CA GLU A 62 38.33 -0.55 19.80
C GLU A 62 38.90 0.61 20.63
N THR A 63 38.10 1.68 20.75
CA THR A 63 38.52 2.92 21.38
C THR A 63 38.55 2.85 22.92
N ARG A 64 37.88 1.83 23.47
CA ARG A 64 37.70 1.63 24.91
C ARG A 64 37.10 2.82 25.68
N ARG A 65 36.08 3.47 25.09
CA ARG A 65 35.37 4.59 25.72
C ARG A 65 34.42 4.10 26.83
N VAL A 66 34.42 2.80 27.07
CA VAL A 66 33.37 2.13 27.84
C VAL A 66 33.91 0.85 28.51
N ASP A 67 33.49 0.58 29.74
CA ASP A 67 33.94 -0.58 30.51
C ASP A 67 33.33 -1.92 30.05
N ALA A 68 32.04 -1.91 29.76
CA ALA A 68 31.31 -3.12 29.38
C ALA A 68 30.10 -2.79 28.53
N LEU A 69 29.46 -3.82 27.98
CA LEU A 69 28.37 -3.60 27.05
C LEU A 69 27.06 -4.28 27.42
N ILE A 70 25.94 -3.62 27.15
CA ILE A 70 24.64 -4.24 27.30
C ILE A 70 23.99 -4.39 25.94
N VAL A 71 23.66 -5.64 25.58
CA VAL A 71 23.22 -5.99 24.23
C VAL A 71 21.72 -6.35 24.18
N ALA A 72 20.93 -5.48 23.57
CA ALA A 72 19.48 -5.67 23.49
C ALA A 72 19.08 -6.28 22.16
N HIS A 73 17.96 -7.01 22.18
CA HIS A 73 17.41 -7.67 21.00
C HIS A 73 18.38 -8.71 20.47
N THR A 74 18.61 -9.72 21.29
CA THR A 74 19.44 -10.85 20.90
C THR A 74 18.79 -11.61 19.74
N GLN A 75 19.61 -12.16 18.84
CA GLN A 75 19.14 -13.08 17.80
C GLN A 75 19.79 -14.45 18.03
N PRO A 76 19.22 -15.54 17.47
CA PRO A 76 19.80 -16.87 17.67
C PRO A 76 21.23 -17.03 17.15
N GLU A 77 21.54 -16.37 16.04
CA GLU A 77 22.92 -16.20 15.58
C GLU A 77 23.15 -14.71 15.44
N ASP A 78 23.77 -14.12 16.45
CA ASP A 78 23.89 -12.67 16.53
C ASP A 78 25.34 -12.28 16.38
N PHE A 79 25.63 -11.58 15.29
CA PHE A 79 27.01 -11.27 14.93
C PHE A 79 27.75 -10.33 15.90
N ARG A 80 27.02 -9.52 16.64
CA ARG A 80 27.68 -8.54 17.49
C ARG A 80 28.09 -9.10 18.85
N LEU A 81 27.35 -10.08 19.35
CA LEU A 81 27.79 -10.88 20.49
C LEU A 81 29.04 -11.69 20.11
N GLN A 82 29.00 -12.30 18.93
CA GLN A 82 30.13 -13.02 18.35
C GLN A 82 31.38 -12.15 18.33
N TYR A 83 31.23 -10.93 17.82
CA TYR A 83 32.32 -9.96 17.80
C TYR A 83 32.90 -9.71 19.18
N LEU A 84 32.02 -9.51 20.16
CA LEU A 84 32.41 -9.19 21.53
C LEU A 84 33.17 -10.34 22.20
N GLN A 85 32.55 -11.51 22.21
CA GLN A 85 33.15 -12.72 22.76
C GLN A 85 34.54 -12.93 22.17
N LYS A 86 34.61 -12.87 20.84
CA LYS A 86 35.86 -13.01 20.09
C LYS A 86 36.93 -12.03 20.60
N GLN A 87 36.52 -10.79 20.87
CA GLN A 87 37.43 -9.72 21.31
C GLN A 87 37.59 -9.64 22.83
N ASN A 88 37.06 -10.63 23.53
CA ASN A 88 37.12 -10.72 25.00
C ASN A 88 36.81 -9.41 25.73
N PHE A 89 35.77 -8.74 25.25
CA PHE A 89 35.22 -7.56 25.89
C PHE A 89 34.07 -8.02 26.77
N PRO A 90 33.93 -7.42 27.97
CA PRO A 90 32.82 -7.78 28.86
C PRO A 90 31.49 -7.32 28.30
N PHE A 91 30.51 -8.20 28.31
CA PHE A 91 29.15 -7.87 27.85
C PHE A 91 28.09 -8.70 28.57
N LEU A 92 26.93 -8.10 28.79
CA LEU A 92 25.75 -8.83 29.27
C LEU A 92 24.71 -8.81 28.17
N ALA A 93 24.22 -9.99 27.85
CA ALA A 93 23.26 -10.17 26.79
C ALA A 93 21.86 -10.26 27.35
N LEU A 94 20.97 -9.37 26.89
CA LEU A 94 19.56 -9.43 27.25
C LEU A 94 18.81 -10.32 26.28
N GLY A 95 18.95 -11.62 26.49
CA GLY A 95 18.42 -12.63 25.60
C GLY A 95 19.44 -13.74 25.49
N ARG A 96 19.17 -14.73 24.63
CA ARG A 96 20.07 -15.87 24.49
C ARG A 96 20.33 -16.20 23.04
N SER A 97 21.58 -16.05 22.63
CA SER A 97 22.02 -16.45 21.30
C SER A 97 22.77 -17.76 21.43
N HIS A 98 22.97 -18.44 20.30
CA HIS A 98 23.89 -19.57 20.24
C HIS A 98 25.31 -18.99 20.18
N LEU A 99 26.19 -19.48 21.04
CA LEU A 99 27.62 -19.12 21.01
C LEU A 99 28.52 -20.31 21.38
N PRO A 100 29.73 -20.38 20.79
CA PRO A 100 30.62 -21.54 20.99
C PRO A 100 31.04 -21.84 22.45
N LYS A 101 31.00 -20.82 23.31
CA LYS A 101 31.37 -20.94 24.74
C LYS A 101 30.44 -20.09 25.66
N PRO A 102 30.57 -20.24 27.00
CA PRO A 102 29.66 -19.52 27.91
C PRO A 102 29.78 -17.98 27.85
N TYR A 103 28.74 -17.30 28.33
CA TYR A 103 28.62 -15.84 28.24
C TYR A 103 27.63 -15.33 29.28
N ALA A 104 27.69 -14.03 29.59
CA ALA A 104 26.78 -13.46 30.56
C ALA A 104 25.45 -13.08 29.91
N TRP A 105 24.37 -13.71 30.39
CA TRP A 105 23.06 -13.42 29.85
C TRP A 105 21.98 -13.30 30.89
N PHE A 106 20.97 -12.51 30.55
CA PHE A 106 19.77 -12.34 31.33
C PHE A 106 18.57 -12.46 30.39
N ASP A 107 17.62 -13.32 30.77
CA ASP A 107 16.49 -13.68 29.91
C ASP A 107 15.34 -14.18 30.77
N PHE A 108 14.14 -14.19 30.21
CA PHE A 108 13.02 -14.91 30.81
C PHE A 108 12.88 -16.25 30.09
N ASP A 109 12.23 -17.21 30.74
CA ASP A 109 11.93 -18.49 30.11
C ASP A 109 10.70 -18.35 29.19
N ASN A 110 10.96 -18.05 27.93
CA ASN A 110 9.90 -17.88 26.95
C ASN A 110 9.27 -19.22 26.59
N HIS A 111 10.13 -20.21 26.38
CA HIS A 111 9.67 -21.55 26.10
C HIS A 111 8.64 -21.99 27.16
N ALA A 112 8.91 -21.66 28.41
CA ALA A 112 8.08 -22.08 29.53
C ALA A 112 6.77 -21.32 29.57
N GLY A 113 6.83 -20.04 29.16
CA GLY A 113 5.67 -19.16 29.13
C GLY A 113 4.64 -19.67 28.17
N ALA A 114 5.07 -19.98 26.95
CA ALA A 114 4.17 -20.44 25.92
C ALA A 114 3.63 -21.80 26.31
N SER A 115 4.50 -22.66 26.85
CA SER A 115 4.10 -23.98 27.32
C SER A 115 3.00 -23.84 28.36
N LEU A 116 3.20 -22.96 29.34
CA LEU A 116 2.23 -22.75 30.41
C LEU A 116 0.84 -22.47 29.82
N ALA A 117 0.82 -21.64 28.78
CA ALA A 117 -0.42 -21.22 28.14
C ALA A 117 -1.03 -22.36 27.34
N VAL A 118 -0.20 -23.28 26.86
CA VAL A 118 -0.72 -24.45 26.18
C VAL A 118 -1.25 -25.40 27.23
N LYS A 119 -0.43 -25.73 28.22
CA LYS A 119 -0.84 -26.63 29.31
C LYS A 119 -2.18 -26.19 29.89
N ARG A 120 -2.41 -24.88 29.96
CA ARG A 120 -3.60 -24.37 30.63
C ARG A 120 -4.84 -24.63 29.78
N LEU A 121 -4.71 -24.37 28.48
CA LEU A 121 -5.80 -24.54 27.52
C LEU A 121 -6.12 -26.01 27.29
N LEU A 122 -5.09 -26.84 27.29
CA LEU A 122 -5.28 -28.28 27.22
C LEU A 122 -6.10 -28.73 28.40
N GLU A 123 -5.68 -28.36 29.62
CA GLU A 123 -6.39 -28.72 30.84
C GLU A 123 -7.85 -28.25 30.87
N LEU A 124 -8.15 -27.20 30.10
CA LEU A 124 -9.51 -26.68 29.96
C LEU A 124 -10.33 -27.41 28.89
N GLY A 125 -9.67 -28.26 28.12
CA GLY A 125 -10.36 -29.13 27.17
C GLY A 125 -10.14 -28.78 25.71
N HIS A 126 -9.25 -27.83 25.45
CA HIS A 126 -8.96 -27.39 24.10
C HIS A 126 -7.95 -28.26 23.38
N GLN A 127 -8.19 -28.51 22.10
CA GLN A 127 -7.25 -29.23 21.22
C GLN A 127 -6.90 -28.41 19.99
N ARG A 128 -7.82 -27.55 19.57
CA ARG A 128 -7.53 -26.65 18.47
C ARG A 128 -6.99 -25.36 18.98
N ILE A 129 -5.75 -25.37 19.43
CA ILE A 129 -5.11 -24.15 19.90
C ILE A 129 -4.27 -23.57 18.78
N ALA A 130 -4.61 -22.36 18.36
CA ALA A 130 -3.80 -21.62 17.41
C ALA A 130 -2.70 -20.81 18.13
N PHE A 131 -1.74 -20.30 17.38
CA PHE A 131 -0.66 -19.49 17.95
C PHE A 131 -0.29 -18.36 17.02
N VAL A 132 -0.21 -17.16 17.56
CA VAL A 132 0.15 -16.00 16.76
C VAL A 132 1.53 -15.53 17.18
N SER A 133 2.48 -15.72 16.27
CA SER A 133 3.90 -15.49 16.53
C SER A 133 4.38 -14.21 15.83
N THR A 134 5.18 -13.38 16.51
CA THR A 134 5.69 -12.17 15.88
C THR A 134 6.68 -12.51 14.77
N ASP A 135 6.53 -11.80 13.66
CA ASP A 135 7.40 -11.97 12.52
C ASP A 135 8.69 -11.17 12.69
N ALA A 136 9.56 -11.63 13.58
CA ALA A 136 10.85 -10.98 13.78
C ALA A 136 11.87 -12.06 14.05
N ARG A 137 13.14 -11.77 13.75
CA ARG A 137 14.20 -12.73 14.02
C ARG A 137 14.87 -12.43 15.36
N ILE A 138 14.09 -12.32 16.43
CA ILE A 138 14.65 -12.16 17.78
C ILE A 138 14.46 -13.46 18.56
N SER A 139 15.46 -13.81 19.37
CA SER A 139 15.49 -15.10 20.06
C SER A 139 14.24 -15.43 20.87
N TYR A 140 13.72 -14.42 21.57
CA TYR A 140 12.52 -14.65 22.37
C TYR A 140 11.38 -15.23 21.54
N VAL A 141 11.34 -14.92 20.24
CA VAL A 141 10.21 -15.33 19.40
C VAL A 141 10.29 -16.81 19.06
N ASP A 142 11.45 -17.24 18.58
CA ASP A 142 11.68 -18.67 18.29
C ASP A 142 11.36 -19.51 19.52
N GLN A 143 11.71 -19.01 20.70
CA GLN A 143 11.55 -19.75 21.93
C GLN A 143 10.09 -19.87 22.34
N ARG A 144 9.31 -18.81 22.15
CA ARG A 144 7.88 -18.88 22.46
C ARG A 144 7.23 -19.81 21.45
N LEU A 145 7.69 -19.71 20.21
CA LEU A 145 7.26 -20.57 19.10
C LEU A 145 7.54 -22.01 19.46
N GLN A 146 8.77 -22.28 19.90
CA GLN A 146 9.21 -23.65 20.22
C GLN A 146 8.37 -24.22 21.35
N GLY A 147 8.03 -23.36 22.31
CA GLY A 147 7.17 -23.74 23.43
C GLY A 147 5.89 -24.34 22.91
N TYR A 148 5.19 -23.56 22.09
CA TYR A 148 3.91 -23.97 21.57
C TYR A 148 3.99 -25.24 20.75
N VAL A 149 4.98 -25.35 19.87
CA VAL A 149 5.07 -26.51 18.99
C VAL A 149 5.34 -27.78 19.79
N GLN A 150 6.40 -27.75 20.60
CA GLN A 150 6.76 -28.87 21.44
C GLN A 150 5.66 -29.32 22.39
N THR A 151 4.98 -28.39 23.04
CA THR A 151 3.97 -28.78 24.02
C THR A 151 2.81 -29.49 23.33
N MSE A 152 2.43 -28.96 22.16
CA MSE A 152 1.41 -29.55 21.31
C MSE A 152 1.84 -30.90 20.82
O MSE A 152 1.03 -31.80 20.68
CB MSE A 152 1.14 -28.66 20.09
CG MSE A 152 0.48 -27.33 20.40
SE MSE A 152 -1.32 -27.49 21.15
CE MSE A 152 -2.29 -27.83 19.48
N SER A 153 3.14 -31.03 20.53
CA SER A 153 3.73 -32.28 20.07
C SER A 153 3.48 -33.34 21.14
N GLU A 154 3.96 -33.07 22.35
CA GLU A 154 3.62 -33.86 23.52
C GLU A 154 2.11 -33.76 23.76
N ALA A 155 1.51 -34.79 24.35
CA ALA A 155 0.04 -34.93 24.34
C ALA A 155 -0.51 -35.12 22.92
N GLY A 156 0.35 -35.62 22.02
CA GLY A 156 0.02 -36.06 20.66
C GLY A 156 -0.99 -35.27 19.83
N LEU A 157 -0.69 -34.01 19.56
CA LEU A 157 -1.54 -33.17 18.70
C LEU A 157 -0.80 -32.58 17.51
N MSE A 158 -1.17 -33.03 16.31
CA MSE A 158 -0.73 -32.42 15.06
C MSE A 158 -1.51 -31.11 14.94
O MSE A 158 -2.74 -31.14 14.76
CB MSE A 158 -1.07 -33.36 13.86
CG MSE A 158 -0.14 -34.58 13.66
SE MSE A 158 -0.75 -36.07 12.45
CE MSE A 158 -1.63 -35.05 11.01
N PRO A 159 -0.82 -29.95 15.08
CA PRO A 159 -1.55 -28.67 14.97
C PRO A 159 -1.98 -28.42 13.52
N LEU A 160 -3.23 -28.03 13.34
CA LEU A 160 -3.84 -27.91 12.03
C LEU A 160 -3.27 -26.76 11.18
N ALA A 161 -3.38 -26.88 9.86
CA ALA A 161 -2.88 -25.89 8.91
C ALA A 161 -3.48 -24.50 9.15
N GLY A 162 -2.61 -23.49 9.19
CA GLY A 162 -3.02 -22.11 9.42
C GLY A 162 -3.14 -21.70 10.87
N TYR A 163 -2.96 -22.63 11.80
CA TYR A 163 -3.06 -22.35 13.26
C TYR A 163 -1.84 -21.66 13.80
N LEU A 164 -0.68 -21.97 13.24
CA LEU A 164 0.51 -21.20 13.54
C LEU A 164 0.53 -20.09 12.52
N GLN A 165 0.46 -18.87 13.02
CA GLN A 165 0.15 -17.69 12.25
C GLN A 165 1.26 -16.68 12.55
N LYS A 166 1.89 -16.15 11.52
CA LYS A 166 2.90 -15.12 11.71
C LYS A 166 2.33 -13.76 11.39
N ALA A 167 2.64 -12.80 12.25
CA ALA A 167 2.07 -11.48 12.13
C ALA A 167 3.10 -10.42 12.51
N ASP A 168 3.01 -9.28 11.86
CA ASP A 168 3.72 -8.08 12.27
C ASP A 168 3.13 -7.75 13.64
N PRO A 169 3.99 -7.60 14.69
CA PRO A 169 3.53 -7.53 16.10
C PRO A 169 2.79 -6.25 16.45
N THR A 170 1.62 -6.05 15.86
CA THR A 170 0.91 -4.80 16.00
C THR A 170 -0.55 -5.15 16.20
N ARG A 171 -1.34 -4.19 16.65
CA ARG A 171 -2.79 -4.38 16.72
C ARG A 171 -3.37 -4.77 15.34
N PRO A 172 -2.97 -4.07 14.26
CA PRO A 172 -3.43 -4.55 12.95
C PRO A 172 -2.90 -5.94 12.62
N GLY A 173 -1.71 -6.26 13.10
CA GLY A 173 -1.14 -7.60 12.98
C GLY A 173 -2.06 -8.67 13.55
N GLY A 174 -2.44 -8.49 14.81
CA GLY A 174 -3.29 -9.44 15.51
C GLY A 174 -4.71 -9.50 14.95
N TYR A 175 -5.26 -8.35 14.61
CA TYR A 175 -6.59 -8.29 14.03
C TYR A 175 -6.71 -9.16 12.76
N LEU A 176 -5.74 -9.01 11.85
CA LEU A 176 -5.73 -9.76 10.59
C LEU A 176 -5.45 -11.24 10.82
N ALA A 177 -4.48 -11.52 11.69
CA ALA A 177 -4.24 -12.89 12.17
C ALA A 177 -5.55 -13.51 12.62
N ALA A 178 -6.34 -12.79 13.40
CA ALA A 178 -7.57 -13.31 13.92
C ALA A 178 -8.55 -13.55 12.79
N SER A 179 -8.59 -12.60 11.85
CA SER A 179 -9.47 -12.71 10.70
C SER A 179 -9.16 -13.98 9.90
N ARG A 180 -7.87 -14.30 9.75
CA ARG A 180 -7.45 -15.49 8.99
C ARG A 180 -7.80 -16.78 9.75
N LEU A 181 -7.54 -16.78 11.05
CA LEU A 181 -7.91 -17.91 11.90
C LEU A 181 -9.41 -18.19 11.86
N LEU A 182 -10.21 -17.13 11.93
CA LEU A 182 -11.66 -17.31 11.88
C LEU A 182 -12.15 -17.81 10.52
N ALA A 183 -11.34 -17.62 9.47
CA ALA A 183 -11.73 -17.95 8.09
C ALA A 183 -11.42 -19.38 7.65
N LEU A 184 -10.65 -20.11 8.46
CA LEU A 184 -10.24 -21.47 8.16
C LEU A 184 -11.45 -22.37 8.17
N GLU A 185 -11.35 -23.51 7.50
CA GLU A 185 -12.48 -24.44 7.42
C GLU A 185 -12.94 -24.86 8.80
N VAL A 186 -11.98 -25.09 9.68
CA VAL A 186 -12.31 -25.46 11.05
C VAL A 186 -11.49 -24.58 12.01
N PRO A 187 -12.02 -23.38 12.36
CA PRO A 187 -11.28 -22.39 13.16
C PRO A 187 -10.95 -22.90 14.56
N PRO A 188 -9.87 -22.36 15.17
CA PRO A 188 -9.45 -22.76 16.50
C PRO A 188 -10.48 -22.42 17.57
N THR A 189 -10.43 -23.13 18.69
CA THR A 189 -11.34 -22.85 19.81
C THR A 189 -10.64 -22.03 20.86
N ALA A 190 -9.32 -21.90 20.75
CA ALA A 190 -8.56 -20.96 21.61
C ALA A 190 -7.33 -20.45 20.86
N ILE A 191 -6.85 -19.28 21.25
CA ILE A 191 -5.72 -18.64 20.60
C ILE A 191 -4.71 -18.19 21.67
N ILE A 192 -3.42 -18.31 21.36
CA ILE A 192 -2.36 -17.72 22.14
C ILE A 192 -1.63 -16.69 21.27
N THR A 193 -1.37 -15.49 21.81
CA THR A 193 -0.53 -14.50 21.12
C THR A 193 0.76 -14.40 21.90
N ASP A 194 1.86 -14.07 21.22
CA ASP A 194 3.17 -13.99 21.87
C ASP A 194 3.59 -12.59 22.30
N CYS A 195 2.70 -11.62 22.14
CA CYS A 195 2.91 -10.30 22.72
C CYS A 195 1.57 -9.60 22.98
N ASN A 196 1.60 -8.53 23.77
CA ASN A 196 0.37 -7.86 24.17
C ASN A 196 -0.30 -7.08 23.02
N MSE A 197 0.52 -6.56 22.11
CA MSE A 197 0.00 -5.85 20.95
C MSE A 197 -0.81 -6.76 20.03
O MSE A 197 -1.93 -6.40 19.64
CB MSE A 197 1.13 -5.13 20.22
CG MSE A 197 1.60 -3.90 21.00
SE MSE A 197 0.03 -2.79 21.49
CE MSE A 197 -0.46 -2.36 19.61
N LEU A 198 -0.28 -7.94 19.72
CA LEU A 198 -1.03 -8.96 19.01
C LEU A 198 -2.30 -9.35 19.78
N GLY A 199 -2.13 -9.47 21.09
CA GLY A 199 -3.23 -9.74 22.00
C GLY A 199 -4.39 -8.79 21.82
N ASP A 200 -4.12 -7.50 21.79
CA ASP A 200 -5.19 -6.53 21.65
C ASP A 200 -5.89 -6.64 20.29
N GLY A 201 -5.09 -6.98 19.27
CA GLY A 201 -5.57 -7.14 17.92
C GLY A 201 -6.49 -8.32 17.89
N VAL A 202 -5.95 -9.50 18.24
CA VAL A 202 -6.75 -10.72 18.25
C VAL A 202 -8.02 -10.48 19.07
N ALA A 203 -7.84 -9.91 20.25
CA ALA A 203 -8.95 -9.58 21.12
C ALA A 203 -9.98 -8.65 20.47
N SER A 204 -9.56 -7.63 19.73
CA SER A 204 -10.54 -6.73 19.13
C SER A 204 -11.36 -7.42 18.07
N ALA A 205 -10.71 -8.28 17.28
CA ALA A 205 -11.40 -8.95 16.18
C ALA A 205 -12.44 -9.93 16.72
N LEU A 206 -12.04 -10.70 17.72
CA LEU A 206 -12.94 -11.62 18.38
C LEU A 206 -14.09 -10.87 19.01
N ASP A 207 -13.81 -9.71 19.60
CA ASP A 207 -14.86 -8.86 20.15
C ASP A 207 -15.87 -8.42 19.08
N LYS A 208 -15.37 -7.87 17.96
CA LYS A 208 -16.21 -7.41 16.85
C LYS A 208 -17.16 -8.50 16.37
N ALA A 209 -16.70 -9.74 16.33
CA ALA A 209 -17.52 -10.88 15.87
C ALA A 209 -18.37 -11.50 16.98
N GLY A 210 -18.27 -10.94 18.19
CA GLY A 210 -18.93 -11.47 19.38
C GLY A 210 -18.35 -12.75 19.94
N LEU A 211 -17.12 -13.08 19.57
CA LEU A 211 -16.53 -14.37 19.92
C LEU A 211 -15.56 -14.30 21.10
N LEU A 212 -15.51 -13.15 21.76
CA LEU A 212 -14.67 -12.97 22.93
C LEU A 212 -15.45 -13.30 24.20
N GLY A 213 -14.74 -13.75 25.23
CA GLY A 213 -15.35 -14.19 26.50
C GLY A 213 -16.28 -15.39 26.34
N GLY A 214 -17.19 -15.55 27.30
CA GLY A 214 -18.27 -16.54 27.25
C GLY A 214 -18.00 -17.89 26.61
N GLU A 215 -19.02 -18.41 25.93
CA GLU A 215 -18.90 -19.65 25.17
C GLU A 215 -18.04 -19.49 23.89
N GLY A 216 -17.44 -18.31 23.72
CA GLY A 216 -16.65 -18.00 22.54
C GLY A 216 -15.23 -18.55 22.59
N ILE A 217 -14.39 -18.08 21.67
CA ILE A 217 -12.99 -18.52 21.56
C ILE A 217 -12.14 -18.03 22.74
N SER A 218 -11.35 -18.93 23.34
CA SER A 218 -10.52 -18.56 24.48
C SER A 218 -9.23 -17.90 24.04
N LEU A 219 -8.68 -17.06 24.91
CA LEU A 219 -7.48 -16.28 24.57
C LEU A 219 -6.50 -16.17 25.72
N ILE A 220 -5.24 -16.45 25.43
CA ILE A 220 -4.14 -16.17 26.32
C ILE A 220 -3.14 -15.26 25.60
N ALA A 221 -2.76 -14.16 26.24
CA ALA A 221 -1.82 -13.21 25.65
C ALA A 221 -0.59 -13.01 26.55
N TYR A 222 0.59 -13.07 25.97
CA TYR A 222 1.82 -12.78 26.68
C TYR A 222 1.77 -11.30 27.08
N ASP A 223 1.98 -11.02 28.36
CA ASP A 223 1.91 -9.66 28.91
C ASP A 223 0.50 -9.02 28.93
N GLY A 224 -0.55 -9.83 28.74
CA GLY A 224 -1.92 -9.33 28.84
C GLY A 224 -2.27 -8.33 27.76
N LEU A 225 -3.23 -7.45 28.03
CA LEU A 225 -3.52 -6.38 27.08
C LEU A 225 -2.62 -5.19 27.35
N PRO A 226 -2.37 -4.35 26.32
CA PRO A 226 -1.60 -3.14 26.50
C PRO A 226 -2.26 -2.29 27.56
N ASP A 227 -1.47 -1.43 28.22
CA ASP A 227 -2.01 -0.47 29.17
C ASP A 227 -3.11 0.40 28.54
N ASP A 228 -3.05 0.56 27.22
CA ASP A 228 -3.95 1.47 26.52
C ASP A 228 -5.03 0.80 25.68
N SER A 229 -5.34 -0.46 25.98
CA SER A 229 -6.40 -1.16 25.28
C SER A 229 -7.74 -0.46 25.48
N LEU A 230 -8.57 -0.54 24.43
CA LEU A 230 -9.92 0.00 24.43
C LEU A 230 -10.96 -1.04 24.82
N LEU A 231 -10.50 -2.23 25.20
CA LEU A 231 -11.39 -3.32 25.63
C LEU A 231 -11.58 -3.38 27.15
N ASP A 232 -12.81 -3.53 27.60
CA ASP A 232 -13.06 -3.71 29.02
C ASP A 232 -13.19 -5.19 29.40
N ILE A 233 -12.21 -5.99 28.99
CA ILE A 233 -12.18 -7.43 29.27
C ILE A 233 -10.84 -7.81 29.87
N ALA A 234 -10.87 -8.69 30.86
CA ALA A 234 -9.63 -9.21 31.44
C ALA A 234 -9.12 -10.38 30.62
N VAL A 235 -8.05 -10.15 29.89
CA VAL A 235 -7.50 -11.19 29.07
C VAL A 235 -6.46 -11.92 29.90
N THR A 236 -6.63 -13.23 30.01
CA THR A 236 -5.69 -14.05 30.76
C THR A 236 -4.30 -13.80 30.20
N PRO A 237 -3.34 -13.44 31.08
CA PRO A 237 -1.99 -13.14 30.60
C PRO A 237 -0.91 -14.15 30.96
N ILE A 238 0.20 -14.06 30.25
CA ILE A 238 1.43 -14.68 30.70
C ILE A 238 2.27 -13.54 31.22
N VAL A 239 2.40 -13.48 32.55
CA VAL A 239 3.02 -12.36 33.24
C VAL A 239 4.52 -12.57 33.30
N GLN A 240 5.26 -11.56 32.89
CA GLN A 240 6.71 -11.60 33.00
C GLN A 240 7.16 -10.90 34.27
N ASN A 241 7.46 -9.61 34.21
CA ASN A 241 8.00 -8.85 35.38
C ASN A 241 8.16 -7.38 35.00
N THR A 242 7.98 -6.49 35.99
CA THR A 242 8.06 -5.04 35.80
C THR A 242 9.43 -4.61 35.28
N ARG A 243 9.48 -3.42 34.68
CA ARG A 243 10.69 -2.88 34.06
C ARG A 243 11.68 -2.38 35.11
N THR A 244 11.15 -1.80 36.18
CA THR A 244 11.95 -1.38 37.34
C THR A 244 12.65 -2.55 38.02
N SER A 245 11.94 -3.68 38.09
CA SER A 245 12.49 -4.95 38.58
C SER A 245 13.71 -5.39 37.78
N VAL A 246 13.59 -5.41 36.44
CA VAL A 246 14.68 -5.89 35.55
C VAL A 246 15.84 -4.91 35.38
N GLY A 247 15.52 -3.62 35.35
CA GLY A 247 16.54 -2.57 35.25
C GLY A 247 17.54 -2.66 36.40
N LYS A 248 17.03 -2.98 37.58
CA LYS A 248 17.88 -3.10 38.77
C LYS A 248 18.65 -4.41 38.72
N GLN A 249 18.02 -5.45 38.18
CA GLN A 249 18.66 -6.75 38.10
C GLN A 249 19.86 -6.70 37.15
N ILE A 250 19.71 -5.93 36.07
CA ILE A 250 20.78 -5.69 35.10
C ILE A 250 21.99 -4.95 35.73
N ALA A 251 21.75 -3.83 36.41
CA ALA A 251 22.84 -3.02 36.98
C ALA A 251 23.64 -3.84 37.98
N SER A 252 22.91 -4.67 38.73
CA SER A 252 23.48 -5.59 39.71
C SER A 252 24.46 -6.59 39.06
N MSE A 253 24.12 -7.07 37.86
CA MSE A 253 24.99 -7.99 37.16
C MSE A 253 26.18 -7.31 36.50
O MSE A 253 27.26 -7.88 36.48
CB MSE A 253 24.21 -8.80 36.12
CG MSE A 253 23.18 -9.73 36.71
SE MSE A 253 22.04 -10.44 35.32
CE MSE A 253 23.04 -12.07 34.98
N ILE A 254 25.97 -6.10 35.98
CA ILE A 254 27.06 -5.35 35.36
C ILE A 254 28.18 -5.06 36.37
N CYS A 255 27.80 -4.65 37.58
CA CYS A 255 28.77 -4.44 38.65
C CYS A 255 29.51 -5.75 38.99
N ASP A 256 28.78 -6.84 39.13
CA ASP A 256 29.36 -8.17 39.33
C ASP A 256 30.32 -8.59 38.22
N LEU A 257 29.99 -8.22 36.99
CA LEU A 257 30.80 -8.55 35.83
C LEU A 257 32.09 -7.74 35.86
N LEU A 258 31.98 -6.47 36.22
CA LEU A 258 33.12 -5.59 36.31
C LEU A 258 33.99 -5.99 37.50
N GLY A 259 33.35 -6.54 38.52
CA GLY A 259 34.06 -7.18 39.63
C GLY A 259 34.92 -8.33 39.16
N GLY A 260 34.71 -8.73 37.90
CA GLY A 260 35.55 -9.71 37.22
C GLY A 260 35.22 -11.14 37.56
N LYS A 261 33.96 -11.53 37.43
CA LYS A 261 33.57 -12.90 37.71
C LYS A 261 33.20 -13.64 36.43
N ASP A 262 33.40 -14.96 36.44
CA ASP A 262 33.14 -15.83 35.29
C ASP A 262 31.72 -15.62 34.72
N PRO A 263 31.61 -15.34 33.42
CA PRO A 263 30.30 -15.36 32.77
C PRO A 263 29.46 -16.63 33.04
N LYS A 264 30.11 -17.80 33.11
CA LYS A 264 29.47 -19.07 33.47
C LYS A 264 28.41 -18.96 34.58
N GLU A 265 28.54 -17.95 35.42
CA GLU A 265 27.73 -17.80 36.65
C GLU A 265 26.79 -16.59 36.63
N LEU A 266 26.91 -15.77 35.59
CA LEU A 266 26.00 -14.64 35.41
C LEU A 266 24.92 -15.01 34.39
N GLN A 267 24.18 -16.07 34.70
CA GLN A 267 23.14 -16.60 33.84
C GLN A 267 21.82 -16.64 34.62
N VAL A 268 21.17 -15.50 34.68
CA VAL A 268 19.91 -15.37 35.40
C VAL A 268 18.71 -15.59 34.46
N LEU A 269 17.89 -16.58 34.81
CA LEU A 269 16.69 -16.90 34.06
C LEU A 269 15.47 -16.82 34.98
N TRP A 270 14.64 -15.80 34.76
CA TRP A 270 13.40 -15.65 35.50
C TRP A 270 12.23 -16.38 34.80
N GLN A 271 11.29 -16.84 35.61
CA GLN A 271 10.19 -17.65 35.10
C GLN A 271 8.91 -16.83 35.00
N PRO A 272 8.24 -16.88 33.84
CA PRO A 272 6.93 -16.27 33.70
C PRO A 272 5.91 -17.07 34.49
N GLU A 273 4.80 -16.42 34.82
CA GLU A 273 3.71 -17.09 35.47
C GLU A 273 2.51 -16.87 34.60
N ILE A 274 1.46 -17.63 34.87
CA ILE A 274 0.18 -17.48 34.23
C ILE A 274 -0.75 -16.70 35.15
N GLY A 275 -1.29 -15.60 34.66
CA GLY A 275 -2.14 -14.74 35.47
C GLY A 275 -3.61 -15.11 35.47
N GLU A 276 -4.44 -14.15 35.84
CA GLU A 276 -5.88 -14.34 35.92
C GLU A 276 -6.59 -13.56 34.81
N GLY A 277 -7.73 -14.08 34.36
CA GLY A 277 -8.49 -13.42 33.31
C GLY A 277 -9.84 -14.06 33.08
N GLU A 278 -10.64 -13.41 32.25
CA GLU A 278 -12.04 -13.74 32.06
C GLU A 278 -12.16 -14.49 30.74
N THR A 279 -11.03 -14.95 30.23
CA THR A 279 -10.86 -15.16 28.82
C THR A 279 -10.39 -16.58 28.45
N ASP A 280 -9.93 -17.31 29.46
CA ASP A 280 -9.55 -18.72 29.31
C ASP A 280 -10.67 -19.58 29.89
N GLY A 281 -11.33 -20.36 29.04
CA GLY A 281 -12.50 -21.14 29.48
C GLY A 281 -12.53 -22.57 28.99
N VAL A 282 -13.46 -23.37 29.53
CA VAL A 282 -13.62 -24.75 29.09
C VAL A 282 -14.09 -24.77 27.65
N ASN A 283 -13.60 -25.74 26.89
CA ASN A 283 -14.01 -25.91 25.50
C ASN A 283 -15.49 -26.31 25.32
N ARG A 284 -16.28 -25.43 24.70
CA ARG A 284 -17.67 -25.74 24.34
C ARG A 284 -17.83 -25.72 22.82
N ARG B 5 -2.43 37.33 -19.99
CA ARG B 5 -3.21 37.78 -21.18
C ARG B 5 -4.47 36.93 -21.45
N THR B 6 -4.37 35.61 -21.35
CA THR B 6 -5.54 34.71 -21.42
C THR B 6 -5.88 34.05 -20.08
N ASP B 7 -4.95 34.10 -19.13
CA ASP B 7 -5.12 33.52 -17.80
C ASP B 7 -5.40 31.99 -17.83
N ALA B 8 -4.91 31.33 -18.88
CA ALA B 8 -5.09 29.89 -19.02
C ALA B 8 -3.75 29.20 -19.27
N ILE B 9 -3.58 28.02 -18.68
CA ILE B 9 -2.38 27.21 -18.85
C ILE B 9 -2.77 25.82 -19.34
N ALA B 10 -1.99 25.26 -20.26
CA ALA B 10 -2.32 23.97 -20.85
C ALA B 10 -1.37 22.91 -20.32
N LEU B 11 -1.91 21.71 -20.12
CA LEU B 11 -1.07 20.56 -19.76
C LEU B 11 -1.11 19.55 -20.88
N ALA B 12 0.08 19.10 -21.30
CA ALA B 12 0.18 18.18 -22.42
C ALA B 12 0.80 16.89 -21.94
N TYR B 13 0.03 15.82 -22.06
CA TYR B 13 0.52 14.48 -21.76
C TYR B 13 0.02 13.53 -22.87
N PRO B 14 0.82 12.48 -23.18
CA PRO B 14 0.39 11.60 -24.25
C PRO B 14 -0.66 10.64 -23.73
N SER B 15 -1.58 10.23 -24.59
CA SER B 15 -2.60 9.27 -24.21
C SER B 15 -2.04 7.86 -24.19
N ARG B 16 -1.07 7.61 -25.07
CA ARG B 16 -0.40 6.30 -25.17
C ARG B 16 1.07 6.50 -24.79
N PRO B 17 1.66 5.55 -24.02
CA PRO B 17 1.12 4.29 -23.47
C PRO B 17 0.21 4.53 -22.27
N ARG B 18 -1.05 4.07 -22.35
CA ARG B 18 -2.00 4.34 -21.30
C ARG B 18 -1.51 3.98 -19.89
N VAL B 19 -0.54 3.08 -19.83
CA VAL B 19 -0.18 2.42 -18.58
C VAL B 19 0.51 3.39 -17.64
N LEU B 20 0.96 4.51 -18.17
CA LEU B 20 1.75 5.46 -17.38
C LEU B 20 0.85 6.54 -16.81
N ASN B 21 -0.38 6.56 -17.28
CA ASN B 21 -1.33 7.55 -16.90
C ASN B 21 -2.16 6.99 -15.77
N ASN B 22 -1.56 6.95 -14.58
CA ASN B 22 -2.19 6.30 -13.44
C ASN B 22 -2.72 7.21 -12.34
N SER B 23 -3.28 6.59 -11.32
CA SER B 23 -3.86 7.27 -10.16
C SER B 23 -2.97 8.40 -9.66
N THR B 24 -1.68 8.13 -9.54
CA THR B 24 -0.70 9.12 -9.08
C THR B 24 -0.52 10.27 -10.07
N PHE B 25 -0.46 9.95 -11.35
CA PHE B 25 -0.44 10.96 -12.38
C PHE B 25 -1.73 11.82 -12.31
N LEU B 26 -2.90 11.18 -12.27
CA LEU B 26 -4.13 11.94 -12.15
C LEU B 26 -4.06 12.86 -10.94
N GLU B 27 -3.47 12.37 -9.86
CA GLU B 27 -3.42 13.13 -8.63
C GLU B 27 -2.56 14.37 -8.82
N MSE B 28 -1.53 14.25 -9.65
CA MSE B 28 -0.69 15.40 -9.90
C MSE B 28 -1.44 16.41 -10.72
O MSE B 28 -1.50 17.59 -10.38
CB MSE B 28 0.57 14.98 -10.62
CG MSE B 28 1.70 15.94 -10.40
SE MSE B 28 2.92 15.57 -11.82
CE MSE B 28 4.50 16.54 -11.19
N ILE B 29 -2.02 15.94 -11.81
CA ILE B 29 -2.85 16.78 -12.64
C ILE B 29 -3.81 17.54 -11.75
N SER B 30 -4.49 16.80 -10.87
CA SER B 30 -5.48 17.34 -9.94
C SER B 30 -4.93 18.51 -9.14
N TRP B 31 -3.81 18.30 -8.47
CA TRP B 31 -3.23 19.37 -7.66
C TRP B 31 -2.65 20.54 -8.45
N ILE B 32 -2.16 20.30 -9.67
CA ILE B 32 -1.82 21.40 -10.58
C ILE B 32 -3.09 22.21 -10.85
N GLY B 33 -4.17 21.52 -11.17
CA GLY B 33 -5.45 22.16 -11.37
C GLY B 33 -5.80 23.05 -10.21
N ILE B 34 -5.82 22.49 -9.00
CA ILE B 34 -6.24 23.22 -7.80
C ILE B 34 -5.33 24.40 -7.52
N GLU B 35 -4.03 24.22 -7.66
CA GLU B 35 -3.08 25.29 -7.36
C GLU B 35 -3.12 26.44 -8.36
N LEU B 36 -3.03 26.12 -9.65
CA LEU B 36 -3.23 27.13 -10.68
C LEU B 36 -4.48 27.95 -10.40
N GLY B 37 -5.51 27.29 -9.87
CA GLY B 37 -6.76 27.95 -9.52
C GLY B 37 -6.55 29.02 -8.47
N LYS B 38 -5.92 28.61 -7.37
CA LYS B 38 -5.57 29.49 -6.24
C LYS B 38 -4.78 30.73 -6.66
N ARG B 39 -4.31 30.75 -7.90
CA ARG B 39 -3.54 31.88 -8.39
C ARG B 39 -4.18 32.47 -9.64
N GLY B 40 -5.48 32.22 -9.80
CA GLY B 40 -6.27 32.80 -10.88
C GLY B 40 -5.95 32.33 -12.29
N LEU B 41 -5.61 31.06 -12.45
CA LEU B 41 -5.31 30.48 -13.76
C LEU B 41 -6.12 29.23 -14.07
N ASP B 42 -6.64 29.17 -15.29
CA ASP B 42 -7.37 28.04 -15.82
C ASP B 42 -6.41 26.93 -16.26
N LEU B 43 -6.89 25.69 -16.28
CA LEU B 43 -6.10 24.58 -16.81
C LEU B 43 -6.80 23.89 -17.97
N LEU B 44 -6.27 24.11 -19.17
CA LEU B 44 -6.70 23.39 -20.34
C LEU B 44 -5.87 22.14 -20.39
N LEU B 45 -6.53 21.05 -20.78
CA LEU B 45 -5.90 19.76 -20.92
C LEU B 45 -5.87 19.39 -22.41
N ILE B 46 -4.69 19.02 -22.91
CA ILE B 46 -4.58 18.50 -24.27
C ILE B 46 -3.82 17.19 -24.29
N PRO B 47 -4.52 16.10 -23.97
CA PRO B 47 -3.89 14.81 -24.13
C PRO B 47 -3.59 14.51 -25.60
N ASP B 48 -2.44 13.92 -25.88
CA ASP B 48 -2.09 13.67 -27.28
C ASP B 48 -2.70 12.41 -27.86
N GLU B 49 -3.36 12.56 -29.00
CA GLU B 49 -3.74 11.44 -29.85
C GLU B 49 -2.50 10.62 -30.17
N PRO B 50 -2.65 9.29 -30.27
CA PRO B 50 -1.52 8.44 -30.63
C PRO B 50 -1.02 8.78 -32.02
N GLY B 51 0.30 8.71 -32.22
CA GLY B 51 0.87 8.81 -33.56
C GLY B 51 1.94 9.87 -33.81
N GLU B 52 2.54 10.38 -32.73
CA GLU B 52 3.71 11.28 -32.80
C GLU B 52 3.48 12.57 -33.63
N LYS B 53 2.23 12.77 -34.08
CA LYS B 53 1.78 14.09 -34.55
C LYS B 53 1.25 14.83 -33.31
N TYR B 54 1.27 16.16 -33.34
CA TYR B 54 0.96 16.92 -32.15
C TYR B 54 -0.07 18.02 -32.41
N GLN B 55 -1.12 17.68 -33.15
CA GLN B 55 -2.09 18.67 -33.61
C GLN B 55 -2.69 19.56 -32.52
N SER B 56 -3.05 18.98 -31.37
CA SER B 56 -3.55 19.78 -30.21
C SER B 56 -2.57 20.85 -29.73
N LEU B 57 -1.34 20.45 -29.47
CA LEU B 57 -0.36 21.35 -28.91
C LEU B 57 -0.07 22.48 -29.89
N ILE B 58 0.16 22.09 -31.15
CA ILE B 58 0.38 23.01 -32.27
C ILE B 58 -0.76 24.00 -32.35
N HIS B 59 -2.00 23.51 -32.43
CA HIS B 59 -3.16 24.39 -32.46
C HIS B 59 -3.07 25.43 -31.35
N LEU B 60 -2.79 24.96 -30.14
CA LEU B 60 -2.77 25.84 -28.97
C LEU B 60 -1.71 26.96 -29.07
N VAL B 61 -0.61 26.67 -29.75
CA VAL B 61 0.42 27.69 -29.93
C VAL B 61 0.02 28.68 -31.03
N GLU B 62 -0.19 28.19 -32.25
CA GLU B 62 -0.57 29.07 -33.36
C GLU B 62 -1.73 29.98 -32.94
N THR B 63 -2.72 29.39 -32.29
CA THR B 63 -3.94 30.08 -31.88
C THR B 63 -3.74 31.03 -30.68
N ARG B 64 -2.67 30.78 -29.92
CA ARG B 64 -2.33 31.58 -28.73
C ARG B 64 -3.43 31.55 -27.68
N ARG B 65 -4.05 30.37 -27.50
CA ARG B 65 -5.20 30.24 -26.61
C ARG B 65 -4.82 30.11 -25.14
N VAL B 66 -3.54 29.82 -24.88
CA VAL B 66 -3.01 29.74 -23.53
C VAL B 66 -1.75 30.58 -23.39
N ASP B 67 -1.47 31.01 -22.17
CA ASP B 67 -0.31 31.85 -21.90
C ASP B 67 0.97 31.05 -21.72
N ALA B 68 0.86 29.74 -21.46
CA ALA B 68 2.04 28.87 -21.29
C ALA B 68 1.69 27.40 -21.23
N LEU B 69 2.69 26.56 -21.43
CA LEU B 69 2.51 25.10 -21.41
C LEU B 69 3.21 24.41 -20.25
N ILE B 70 2.58 23.36 -19.74
CA ILE B 70 3.24 22.47 -18.81
C ILE B 70 3.34 21.15 -19.52
N VAL B 71 4.55 20.65 -19.71
CA VAL B 71 4.71 19.48 -20.54
C VAL B 71 5.05 18.29 -19.67
N ALA B 72 4.16 17.29 -19.64
CA ALA B 72 4.36 16.07 -18.85
C ALA B 72 4.96 14.89 -19.65
N HIS B 73 5.45 13.87 -18.94
CA HIS B 73 6.11 12.72 -19.54
C HIS B 73 7.17 13.12 -20.57
N THR B 74 8.22 13.77 -20.10
CA THR B 74 9.23 14.30 -21.02
C THR B 74 10.16 13.19 -21.46
N GLN B 75 10.34 13.10 -22.79
CA GLN B 75 11.23 12.12 -23.42
C GLN B 75 12.67 12.64 -23.53
N PRO B 76 13.66 11.73 -23.63
CA PRO B 76 15.08 12.12 -23.81
C PRO B 76 15.28 13.14 -24.92
N GLU B 77 14.70 12.85 -26.10
CA GLU B 77 14.60 13.81 -27.21
C GLU B 77 13.13 14.12 -27.50
N ASP B 78 12.62 15.15 -26.84
CA ASP B 78 11.18 15.38 -26.82
C ASP B 78 10.85 16.50 -27.79
N PHE B 79 10.09 16.17 -28.83
CA PHE B 79 9.81 17.14 -29.86
C PHE B 79 8.88 18.23 -29.40
N ARG B 80 8.02 17.94 -28.44
CA ARG B 80 7.12 18.98 -27.90
C ARG B 80 7.95 20.13 -27.35
N LEU B 81 8.88 19.83 -26.46
CA LEU B 81 9.77 20.85 -25.90
C LEU B 81 10.57 21.52 -27.00
N GLN B 82 11.23 20.73 -27.85
CA GLN B 82 11.99 21.29 -28.94
C GLN B 82 11.19 22.28 -29.76
N TYR B 83 9.98 21.93 -30.15
CA TYR B 83 9.07 22.84 -30.82
C TYR B 83 8.77 24.09 -30.00
N LEU B 84 8.32 23.89 -28.77
CA LEU B 84 7.92 25.02 -27.91
C LEU B 84 9.03 26.04 -27.79
N GLN B 85 10.24 25.55 -27.54
CA GLN B 85 11.44 26.38 -27.49
C GLN B 85 11.63 27.13 -28.81
N LYS B 86 11.52 26.42 -29.93
CA LYS B 86 11.70 27.02 -31.26
C LYS B 86 10.62 28.06 -31.61
N GLN B 87 9.49 28.02 -30.91
CA GLN B 87 8.43 28.97 -31.19
C GLN B 87 8.45 30.07 -30.14
N ASN B 88 9.42 29.97 -29.23
CA ASN B 88 9.64 30.96 -28.19
C ASN B 88 8.46 31.10 -27.25
N PHE B 89 7.77 29.97 -27.05
CA PHE B 89 6.57 29.91 -26.25
C PHE B 89 6.92 29.55 -24.82
N PRO B 90 6.34 30.26 -23.84
CA PRO B 90 6.61 29.97 -22.44
C PRO B 90 6.21 28.54 -22.10
N PHE B 91 7.10 27.79 -21.45
CA PHE B 91 6.77 26.42 -21.01
C PHE B 91 7.59 25.93 -19.84
N LEU B 92 7.05 24.94 -19.13
CA LEU B 92 7.72 24.27 -18.04
C LEU B 92 7.67 22.77 -18.25
N ALA B 93 8.83 22.10 -18.18
CA ALA B 93 8.91 20.66 -18.39
C ALA B 93 8.92 19.88 -17.07
N LEU B 94 7.99 18.95 -16.96
CA LEU B 94 7.91 18.08 -15.80
C LEU B 94 8.83 16.88 -16.03
N GLY B 95 10.11 17.12 -15.81
CA GLY B 95 11.15 16.18 -16.15
C GLY B 95 12.12 16.90 -17.06
N ARG B 96 13.12 16.20 -17.55
CA ARG B 96 14.13 16.90 -18.35
C ARG B 96 14.29 16.30 -19.73
N SER B 97 14.97 17.03 -20.60
CA SER B 97 15.16 16.59 -21.97
C SER B 97 16.32 17.36 -22.58
N HIS B 98 16.62 17.03 -23.84
CA HIS B 98 17.79 17.55 -24.56
C HIS B 98 17.39 18.68 -25.48
N LEU B 99 17.73 19.91 -25.08
CA LEU B 99 17.32 21.13 -25.79
C LEU B 99 18.53 21.94 -26.24
N PRO B 100 18.43 22.68 -27.36
CA PRO B 100 19.56 23.53 -27.78
C PRO B 100 19.83 24.77 -26.90
N LYS B 101 18.95 25.06 -25.95
CA LYS B 101 19.04 26.27 -25.14
C LYS B 101 18.42 26.03 -23.76
N PRO B 102 18.88 26.76 -22.73
CA PRO B 102 18.33 26.61 -21.38
C PRO B 102 16.82 26.73 -21.37
N TYR B 103 16.17 25.94 -20.51
CA TYR B 103 14.71 25.90 -20.40
C TYR B 103 14.26 25.77 -18.95
N ALA B 104 12.99 26.08 -18.68
CA ALA B 104 12.41 25.91 -17.35
C ALA B 104 12.04 24.45 -17.08
N TRP B 105 12.59 23.86 -16.03
CA TRP B 105 12.20 22.50 -15.68
C TRP B 105 12.01 22.24 -14.19
N PHE B 106 11.21 21.20 -13.91
CA PHE B 106 11.00 20.70 -12.56
C PHE B 106 11.11 19.17 -12.54
N ASP B 107 12.06 18.66 -11.78
CA ASP B 107 12.34 17.25 -11.81
C ASP B 107 12.88 16.83 -10.44
N PHE B 108 12.94 15.52 -10.18
CA PHE B 108 13.70 15.01 -9.06
C PHE B 108 15.00 14.45 -9.60
N ASP B 109 16.03 14.37 -8.76
CA ASP B 109 17.29 13.81 -9.21
C ASP B 109 17.21 12.28 -9.26
N ASN B 110 16.68 11.76 -10.37
CA ASN B 110 16.44 10.34 -10.53
C ASN B 110 17.73 9.52 -10.59
N HIS B 111 18.77 10.10 -11.16
CA HIS B 111 20.03 9.41 -11.22
C HIS B 111 20.52 9.14 -9.78
N ALA B 112 20.51 10.16 -8.93
CA ALA B 112 20.93 9.96 -7.54
C ALA B 112 20.01 9.03 -6.77
N GLY B 113 18.75 8.99 -7.16
CA GLY B 113 17.75 8.17 -6.50
C GLY B 113 18.12 6.70 -6.59
N ALA B 114 18.39 6.25 -7.80
CA ALA B 114 18.85 4.88 -8.07
C ALA B 114 20.21 4.63 -7.46
N SER B 115 21.03 5.68 -7.39
CA SER B 115 22.36 5.57 -6.87
C SER B 115 22.31 5.28 -5.39
N LEU B 116 21.63 6.14 -4.63
CA LEU B 116 21.45 5.94 -3.20
C LEU B 116 21.06 4.50 -2.95
N ALA B 117 20.17 3.99 -3.79
CA ALA B 117 19.68 2.63 -3.65
C ALA B 117 20.79 1.60 -3.86
N VAL B 118 21.64 1.81 -4.85
CA VAL B 118 22.74 0.89 -5.14
C VAL B 118 23.81 0.94 -4.07
N LYS B 119 24.06 2.12 -3.49
CA LYS B 119 25.09 2.20 -2.44
C LYS B 119 24.63 1.62 -1.13
N ARG B 120 23.34 1.75 -0.80
CA ARG B 120 22.83 1.12 0.42
C ARG B 120 23.11 -0.38 0.36
N LEU B 121 22.70 -1.00 -0.73
CA LEU B 121 22.89 -2.44 -0.90
C LEU B 121 24.36 -2.84 -0.95
N LEU B 122 25.19 -1.98 -1.53
CA LEU B 122 26.63 -2.18 -1.53
C LEU B 122 27.15 -2.19 -0.11
N GLU B 123 26.77 -1.17 0.65
CA GLU B 123 27.19 -1.04 2.05
C GLU B 123 26.64 -2.15 2.94
N LEU B 124 25.54 -2.78 2.51
CA LEU B 124 24.99 -3.92 3.22
C LEU B 124 25.65 -5.24 2.83
N GLY B 125 26.60 -5.17 1.88
CA GLY B 125 27.35 -6.34 1.43
C GLY B 125 26.84 -7.07 0.22
N HIS B 126 25.92 -6.45 -0.53
CA HIS B 126 25.41 -7.09 -1.73
C HIS B 126 26.25 -6.71 -2.93
N GLN B 127 26.33 -7.63 -3.89
CA GLN B 127 27.08 -7.35 -5.12
C GLN B 127 26.28 -7.80 -6.32
N ARG B 128 25.52 -8.87 -6.15
CA ARG B 128 24.58 -9.30 -7.15
C ARG B 128 23.31 -8.52 -6.96
N ILE B 129 23.35 -7.25 -7.36
CA ILE B 129 22.16 -6.40 -7.35
C ILE B 129 21.54 -6.35 -8.74
N ALA B 130 20.28 -6.72 -8.83
CA ALA B 130 19.54 -6.63 -10.09
C ALA B 130 18.67 -5.36 -10.14
N PHE B 131 18.26 -4.96 -11.35
CA PHE B 131 17.48 -3.72 -11.50
C PHE B 131 16.33 -3.94 -12.47
N VAL B 132 15.11 -3.67 -12.02
CA VAL B 132 13.94 -3.82 -12.86
C VAL B 132 13.50 -2.44 -13.28
N SER B 133 13.62 -2.17 -14.58
CA SER B 133 13.48 -0.84 -15.18
C SER B 133 12.26 -0.80 -16.05
N THR B 134 11.56 0.33 -16.07
CA THR B 134 10.31 0.52 -16.83
C THR B 134 10.60 0.51 -18.30
N ASP B 135 9.74 -0.15 -19.04
CA ASP B 135 9.98 -0.38 -20.43
C ASP B 135 9.36 0.69 -21.30
N ALA B 136 9.64 1.96 -21.02
CA ALA B 136 9.19 3.04 -21.89
C ALA B 136 10.23 4.13 -22.03
N ARG B 137 10.21 4.81 -23.17
CA ARG B 137 11.13 5.92 -23.43
C ARG B 137 10.73 7.24 -22.74
N ILE B 138 10.96 7.31 -21.42
CA ILE B 138 10.78 8.55 -20.61
C ILE B 138 12.09 8.88 -19.89
N SER B 139 12.48 10.15 -19.87
CA SER B 139 13.75 10.56 -19.28
C SER B 139 14.07 10.03 -17.89
N TYR B 140 13.09 10.01 -16.98
CA TYR B 140 13.40 9.57 -15.63
C TYR B 140 13.78 8.11 -15.63
N VAL B 141 13.25 7.34 -16.58
CA VAL B 141 13.55 5.92 -16.70
C VAL B 141 15.01 5.75 -17.03
N ASP B 142 15.48 6.54 -17.99
CA ASP B 142 16.86 6.46 -18.42
C ASP B 142 17.78 6.93 -17.33
N GLN B 143 17.38 7.97 -16.62
CA GLN B 143 18.21 8.50 -15.57
C GLN B 143 18.36 7.50 -14.45
N ARG B 144 17.31 6.75 -14.16
CA ARG B 144 17.40 5.78 -13.10
C ARG B 144 18.30 4.62 -13.51
N LEU B 145 18.20 4.21 -14.77
CA LEU B 145 19.04 3.15 -15.31
C LEU B 145 20.49 3.57 -15.29
N GLN B 146 20.80 4.76 -15.79
CA GLN B 146 22.20 5.17 -15.77
C GLN B 146 22.71 5.29 -14.34
N GLY B 147 21.81 5.65 -13.42
CA GLY B 147 22.11 5.66 -12.00
C GLY B 147 22.64 4.31 -11.53
N TYR B 148 21.89 3.25 -11.82
CA TYR B 148 22.24 1.90 -11.43
C TYR B 148 23.55 1.40 -12.05
N VAL B 149 23.71 1.54 -13.36
CA VAL B 149 24.91 1.07 -14.01
C VAL B 149 26.12 1.82 -13.51
N GLN B 150 26.01 3.14 -13.49
CA GLN B 150 27.15 3.97 -13.18
C GLN B 150 27.65 3.75 -11.75
N THR B 151 26.72 3.66 -10.80
CA THR B 151 27.09 3.34 -9.43
C THR B 151 27.69 1.93 -9.40
N MSE B 152 26.96 0.97 -9.94
CA MSE B 152 27.43 -0.39 -10.07
C MSE B 152 28.87 -0.43 -10.57
O MSE B 152 29.75 -1.03 -9.95
CB MSE B 152 26.52 -1.15 -11.02
CG MSE B 152 26.27 -2.58 -10.62
SE MSE B 152 25.61 -2.89 -8.79
CE MSE B 152 25.22 -4.76 -9.16
N SER B 153 29.13 0.25 -11.68
CA SER B 153 30.45 0.22 -12.31
C SER B 153 31.53 0.96 -11.50
N GLU B 154 31.19 2.14 -10.99
CA GLU B 154 32.12 2.89 -10.14
C GLU B 154 32.48 2.12 -8.90
N ALA B 155 31.68 1.09 -8.60
CA ALA B 155 31.94 0.21 -7.46
C ALA B 155 32.73 -1.02 -7.87
N GLY B 156 33.16 -1.05 -9.13
CA GLY B 156 33.98 -2.15 -9.66
C GLY B 156 33.18 -3.39 -10.00
N LEU B 157 31.90 -3.20 -10.28
CA LEU B 157 31.02 -4.29 -10.61
C LEU B 157 30.41 -4.09 -11.97
N MSE B 158 29.75 -5.12 -12.47
CA MSE B 158 28.89 -4.94 -13.63
C MSE B 158 27.89 -6.06 -13.80
O MSE B 158 28.27 -7.23 -13.75
CB MSE B 158 29.72 -4.79 -14.87
CG MSE B 158 30.69 -5.88 -15.00
SE MSE B 158 31.47 -5.75 -16.73
CE MSE B 158 29.83 -5.29 -17.77
N PRO B 159 26.63 -5.70 -14.01
CA PRO B 159 25.50 -6.63 -14.01
C PRO B 159 25.77 -7.91 -14.80
N LEU B 160 25.58 -9.04 -14.12
CA LEU B 160 25.57 -10.33 -14.79
C LEU B 160 24.38 -10.43 -15.74
N ALA B 161 24.38 -11.45 -16.58
CA ALA B 161 23.32 -11.66 -17.55
C ALA B 161 21.99 -11.82 -16.84
N GLY B 162 20.98 -11.09 -17.31
CA GLY B 162 19.63 -11.24 -16.79
C GLY B 162 19.31 -10.28 -15.66
N TYR B 163 20.34 -9.68 -15.06
CA TYR B 163 20.18 -8.78 -13.92
C TYR B 163 19.49 -7.47 -14.28
N LEU B 164 19.72 -6.98 -15.48
CA LEU B 164 19.07 -5.75 -15.90
C LEU B 164 17.83 -6.11 -16.70
N GLN B 165 16.67 -5.94 -16.05
CA GLN B 165 15.38 -6.38 -16.60
C GLN B 165 14.52 -5.20 -16.98
N LYS B 166 13.88 -5.28 -18.12
CA LYS B 166 12.93 -4.27 -18.53
C LYS B 166 11.57 -4.91 -18.39
N ALA B 167 10.54 -4.12 -18.22
CA ALA B 167 9.24 -4.64 -17.89
C ALA B 167 8.20 -3.56 -18.08
N ASP B 168 7.03 -3.98 -18.51
CA ASP B 168 5.83 -3.15 -18.51
C ASP B 168 5.65 -2.75 -17.04
N PRO B 169 5.55 -1.42 -16.74
CA PRO B 169 5.58 -0.95 -15.36
C PRO B 169 4.32 -1.27 -14.57
N THR B 170 4.04 -2.56 -14.44
CA THR B 170 2.85 -3.08 -13.84
C THR B 170 3.21 -4.18 -12.86
N ARG B 171 2.28 -4.51 -11.97
CA ARG B 171 2.40 -5.63 -11.08
C ARG B 171 2.80 -6.88 -11.86
N PRO B 172 2.11 -7.18 -12.98
CA PRO B 172 2.55 -8.43 -13.62
C PRO B 172 3.93 -8.27 -14.24
N GLY B 173 4.24 -7.09 -14.78
CA GLY B 173 5.59 -6.78 -15.21
C GLY B 173 6.67 -7.10 -14.17
N GLY B 174 6.35 -6.91 -12.89
CA GLY B 174 7.36 -7.02 -11.85
C GLY B 174 7.43 -8.44 -11.34
N TYR B 175 6.26 -9.08 -11.26
CA TYR B 175 6.17 -10.47 -10.86
C TYR B 175 7.01 -11.30 -11.80
N LEU B 176 6.80 -11.08 -13.11
CA LEU B 176 7.50 -11.85 -14.15
C LEU B 176 9.00 -11.54 -14.17
N ALA B 177 9.36 -10.25 -14.09
CA ALA B 177 10.74 -9.87 -13.88
C ALA B 177 11.36 -10.73 -12.78
N ALA B 178 10.68 -10.81 -11.63
CA ALA B 178 11.17 -11.56 -10.49
C ALA B 178 11.28 -13.06 -10.78
N SER B 179 10.27 -13.66 -11.41
CA SER B 179 10.38 -15.08 -11.73
C SER B 179 11.64 -15.26 -12.56
N ARG B 180 11.86 -14.35 -13.50
CA ARG B 180 12.98 -14.46 -14.41
C ARG B 180 14.29 -14.35 -13.67
N LEU B 181 14.38 -13.39 -12.74
CA LEU B 181 15.59 -13.25 -11.94
C LEU B 181 15.84 -14.53 -11.18
N LEU B 182 14.80 -15.06 -10.56
CA LEU B 182 14.91 -16.24 -9.70
C LEU B 182 15.38 -17.50 -10.43
N ALA B 183 15.38 -17.46 -11.76
CA ALA B 183 15.60 -18.64 -12.57
C ALA B 183 16.98 -18.63 -13.18
N LEU B 184 17.65 -17.48 -13.10
CA LEU B 184 19.02 -17.33 -13.56
C LEU B 184 19.95 -18.36 -12.91
N GLU B 185 21.00 -18.76 -13.64
CA GLU B 185 22.03 -19.69 -13.14
C GLU B 185 22.49 -19.26 -11.74
N VAL B 186 22.59 -17.95 -11.56
CA VAL B 186 23.07 -17.34 -10.32
C VAL B 186 22.14 -16.16 -10.00
N PRO B 187 21.07 -16.43 -9.23
CA PRO B 187 20.06 -15.42 -8.94
C PRO B 187 20.65 -14.27 -8.15
N PRO B 188 20.03 -13.07 -8.17
CA PRO B 188 20.59 -11.99 -7.37
C PRO B 188 20.23 -12.13 -5.91
N THR B 189 20.83 -11.28 -5.07
CA THR B 189 20.56 -11.28 -3.64
C THR B 189 19.82 -10.00 -3.27
N ALA B 190 19.74 -9.07 -4.20
CA ALA B 190 18.92 -7.88 -4.00
C ALA B 190 18.48 -7.38 -5.35
N ILE B 191 17.31 -6.74 -5.36
CA ILE B 191 16.70 -6.23 -6.57
C ILE B 191 16.26 -4.80 -6.25
N ILE B 192 16.49 -3.89 -7.19
CA ILE B 192 15.99 -2.55 -7.11
C ILE B 192 14.94 -2.41 -8.18
N THR B 193 13.86 -1.67 -7.93
CA THR B 193 12.88 -1.40 -9.00
C THR B 193 12.68 0.08 -9.29
N ASP B 194 12.47 0.36 -10.57
CA ASP B 194 12.10 1.63 -11.17
C ASP B 194 10.97 2.41 -10.52
N CYS B 195 9.94 1.70 -10.10
CA CYS B 195 8.68 2.31 -9.71
C CYS B 195 7.91 1.45 -8.74
N ASN B 196 6.89 2.08 -8.17
CA ASN B 196 5.84 1.50 -7.32
C ASN B 196 5.39 0.10 -7.65
N MSE B 197 4.91 -0.04 -8.88
CA MSE B 197 4.14 -1.19 -9.30
C MSE B 197 5.03 -2.37 -9.59
O MSE B 197 4.65 -3.52 -9.32
CB MSE B 197 3.31 -0.81 -10.53
CG MSE B 197 2.29 0.30 -10.29
SE MSE B 197 1.02 -0.06 -8.81
CE MSE B 197 0.72 -1.98 -9.04
N LEU B 198 6.20 -2.10 -10.17
CA LEU B 198 7.25 -3.09 -10.29
C LEU B 198 7.65 -3.57 -8.89
N GLY B 199 7.98 -2.62 -8.02
CA GLY B 199 8.16 -2.88 -6.59
C GLY B 199 7.18 -3.92 -6.10
N ASP B 200 5.89 -3.65 -6.28
CA ASP B 200 4.83 -4.49 -5.71
C ASP B 200 4.80 -5.89 -6.32
N GLY B 201 5.15 -5.97 -7.61
CA GLY B 201 5.17 -7.22 -8.38
C GLY B 201 6.30 -8.12 -7.95
N VAL B 202 7.52 -7.57 -7.95
CA VAL B 202 8.68 -8.24 -7.39
C VAL B 202 8.39 -8.69 -5.96
N ALA B 203 7.89 -7.78 -5.14
CA ALA B 203 7.65 -8.13 -3.75
C ALA B 203 6.69 -9.31 -3.62
N SER B 204 5.60 -9.29 -4.39
CA SER B 204 4.65 -10.41 -4.46
C SER B 204 5.32 -11.67 -4.97
N ALA B 205 6.34 -11.52 -5.79
CA ALA B 205 6.98 -12.69 -6.34
C ALA B 205 7.86 -13.31 -5.29
N LEU B 206 8.67 -12.49 -4.62
CA LEU B 206 9.52 -12.98 -3.56
C LEU B 206 8.72 -13.55 -2.40
N ASP B 207 7.52 -13.02 -2.20
CA ASP B 207 6.67 -13.49 -1.14
C ASP B 207 6.14 -14.87 -1.44
N LYS B 208 5.73 -15.14 -2.69
CA LYS B 208 5.12 -16.44 -3.00
C LYS B 208 6.16 -17.54 -2.87
N ALA B 209 7.42 -17.15 -2.92
CA ALA B 209 8.52 -18.09 -2.91
C ALA B 209 9.19 -18.15 -1.52
N GLY B 210 8.76 -17.29 -0.60
CA GLY B 210 9.33 -17.24 0.75
C GLY B 210 10.68 -16.55 0.83
N LEU B 211 10.91 -15.59 -0.07
CA LEU B 211 12.23 -14.97 -0.22
C LEU B 211 12.26 -13.48 0.08
N LEU B 212 11.16 -12.96 0.61
CA LEU B 212 11.02 -11.53 0.94
C LEU B 212 11.12 -11.30 2.44
N GLY B 213 12.00 -10.38 2.82
CA GLY B 213 12.28 -10.14 4.23
C GLY B 213 13.71 -10.52 4.61
N GLY B 214 13.90 -10.82 5.89
CA GLY B 214 15.23 -11.14 6.42
C GLY B 214 15.75 -12.46 5.90
N GLU B 215 17.05 -12.52 5.64
CA GLU B 215 17.73 -13.72 5.11
C GLU B 215 17.28 -14.10 3.69
N GLY B 216 16.44 -13.27 3.08
CA GLY B 216 16.03 -13.47 1.69
C GLY B 216 16.60 -12.40 0.80
N ILE B 217 16.01 -12.22 -0.39
CA ILE B 217 16.51 -11.26 -1.34
C ILE B 217 16.08 -9.87 -0.95
N SER B 218 17.05 -8.96 -0.80
CA SER B 218 16.75 -7.60 -0.41
C SER B 218 16.05 -6.87 -1.53
N LEU B 219 15.19 -5.94 -1.15
CA LEU B 219 14.45 -5.18 -2.15
C LEU B 219 14.36 -3.71 -1.76
N ILE B 220 14.73 -2.85 -2.71
CA ILE B 220 14.43 -1.44 -2.60
C ILE B 220 13.57 -1.08 -3.78
N ALA B 221 12.40 -0.53 -3.50
CA ALA B 221 11.50 -0.15 -4.57
C ALA B 221 11.38 1.36 -4.63
N TYR B 222 11.53 1.89 -5.82
CA TYR B 222 11.25 3.29 -6.01
C TYR B 222 9.83 3.60 -5.57
N ASP B 223 9.68 4.68 -4.81
CA ASP B 223 8.37 5.14 -4.31
C ASP B 223 7.68 4.21 -3.28
N GLY B 224 8.32 3.12 -2.90
CA GLY B 224 7.70 2.21 -1.94
C GLY B 224 6.68 1.30 -2.59
N LEU B 225 5.81 0.71 -1.79
CA LEU B 225 4.69 -0.04 -2.34
C LEU B 225 3.55 0.94 -2.61
N PRO B 226 2.60 0.55 -3.48
CA PRO B 226 1.40 1.37 -3.59
C PRO B 226 0.49 1.17 -2.39
N ASP B 227 -0.39 2.14 -2.16
CA ASP B 227 -1.32 2.14 -1.02
C ASP B 227 -2.33 1.02 -1.11
N ASP B 228 -2.57 0.50 -2.31
CA ASP B 228 -3.49 -0.61 -2.49
C ASP B 228 -2.77 -1.94 -2.47
N SER B 229 -1.65 -2.00 -1.77
CA SER B 229 -0.85 -3.20 -1.78
C SER B 229 -1.41 -4.24 -0.83
N LEU B 230 -1.54 -5.46 -1.32
CA LEU B 230 -1.89 -6.59 -0.50
C LEU B 230 -0.84 -6.96 0.52
N LEU B 231 0.40 -6.45 0.34
CA LEU B 231 1.55 -6.91 1.13
C LEU B 231 1.70 -6.42 2.58
N ASP B 232 1.97 -7.37 3.46
CA ASP B 232 2.20 -7.09 4.88
C ASP B 232 3.55 -6.41 5.18
N ILE B 233 4.68 -7.03 4.81
CA ILE B 233 6.01 -6.42 4.98
C ILE B 233 6.13 -5.00 4.39
N ALA B 234 6.78 -4.09 5.13
CA ALA B 234 7.10 -2.75 4.64
C ALA B 234 8.40 -2.72 3.83
N VAL B 235 8.26 -2.60 2.50
CA VAL B 235 9.35 -2.58 1.54
C VAL B 235 10.13 -1.26 1.57
N THR B 236 11.46 -1.34 1.56
CA THR B 236 12.30 -0.14 1.62
C THR B 236 12.14 0.72 0.37
N PRO B 237 11.77 2.00 0.58
CA PRO B 237 11.45 2.89 -0.51
C PRO B 237 12.57 3.84 -0.89
N ILE B 238 12.56 4.27 -2.14
CA ILE B 238 13.22 5.52 -2.50
C ILE B 238 12.11 6.57 -2.44
N VAL B 239 12.25 7.50 -1.52
CA VAL B 239 11.17 8.45 -1.28
C VAL B 239 11.44 9.73 -2.03
N GLN B 240 10.42 10.21 -2.73
CA GLN B 240 10.49 11.52 -3.36
C GLN B 240 9.69 12.52 -2.54
N ASN B 241 8.51 12.88 -3.02
CA ASN B 241 7.74 13.94 -2.38
C ASN B 241 6.25 13.92 -2.74
N THR B 242 5.43 14.35 -1.77
CA THR B 242 3.96 14.40 -1.90
C THR B 242 3.50 15.24 -3.11
N ARG B 243 2.53 14.73 -3.87
CA ARG B 243 1.97 15.41 -5.05
C ARG B 243 1.36 16.78 -4.79
N THR B 244 0.87 17.01 -3.58
CA THR B 244 0.37 18.32 -3.21
C THR B 244 1.50 19.38 -3.11
N SER B 245 2.71 18.92 -2.77
CA SER B 245 3.89 19.78 -2.73
C SER B 245 4.29 20.23 -4.13
N VAL B 246 4.24 19.30 -5.09
CA VAL B 246 4.64 19.58 -6.48
C VAL B 246 3.63 20.47 -7.21
N GLY B 247 2.33 20.18 -7.06
CA GLY B 247 1.32 21.07 -7.59
C GLY B 247 1.63 22.51 -7.22
N LYS B 248 1.93 22.76 -5.94
CA LYS B 248 2.25 24.09 -5.42
C LYS B 248 3.44 24.69 -6.16
N GLN B 249 4.51 23.90 -6.26
CA GLN B 249 5.75 24.29 -6.91
C GLN B 249 5.58 24.59 -8.39
N ILE B 250 4.77 23.77 -9.05
CA ILE B 250 4.47 23.92 -10.48
C ILE B 250 3.72 25.23 -10.75
N ALA B 251 2.74 25.55 -9.90
CA ALA B 251 1.98 26.77 -10.04
C ALA B 251 2.82 28.01 -9.73
N SER B 252 3.82 27.86 -8.85
CA SER B 252 4.68 28.97 -8.47
C SER B 252 5.59 29.31 -9.61
N MSE B 253 6.06 28.28 -10.30
CA MSE B 253 6.99 28.46 -11.43
C MSE B 253 6.30 29.02 -12.66
O MSE B 253 6.87 29.85 -13.36
CB MSE B 253 7.72 27.17 -11.75
CG MSE B 253 8.57 26.70 -10.58
SE MSE B 253 9.32 24.93 -10.89
CE MSE B 253 10.86 25.46 -11.97
N ILE B 254 5.08 28.58 -12.91
CA ILE B 254 4.34 29.08 -14.05
C ILE B 254 4.07 30.57 -13.86
N CYS B 255 3.77 30.97 -12.63
CA CYS B 255 3.55 32.37 -12.31
C CYS B 255 4.85 33.18 -12.41
N ASP B 256 5.95 32.58 -11.92
CA ASP B 256 7.29 33.14 -12.10
C ASP B 256 7.62 33.29 -13.60
N LEU B 257 7.24 32.27 -14.37
CA LEU B 257 7.47 32.20 -15.80
C LEU B 257 6.67 33.28 -16.53
N LEU B 258 5.41 33.46 -16.13
CA LEU B 258 4.52 34.46 -16.70
C LEU B 258 4.91 35.87 -16.28
N GLY B 259 5.55 36.00 -15.12
CA GLY B 259 6.11 37.27 -14.68
C GLY B 259 7.46 37.55 -15.32
N GLY B 260 7.80 36.78 -16.37
CA GLY B 260 9.00 37.01 -17.19
C GLY B 260 10.37 36.67 -16.63
N LYS B 261 10.42 35.82 -15.59
CA LYS B 261 11.70 35.33 -15.08
C LYS B 261 12.40 34.54 -16.17
N ASP B 262 13.72 34.64 -16.23
CA ASP B 262 14.47 33.90 -17.23
C ASP B 262 14.30 32.41 -16.96
N PRO B 263 13.85 31.66 -17.98
CA PRO B 263 13.77 30.20 -17.90
C PRO B 263 14.96 29.59 -17.17
N LYS B 264 16.13 30.19 -17.33
CA LYS B 264 17.35 29.69 -16.70
C LYS B 264 17.26 29.60 -15.16
N GLU B 265 16.54 30.53 -14.52
CA GLU B 265 16.41 30.56 -13.05
C GLU B 265 15.36 29.57 -12.54
N LEU B 266 14.63 28.97 -13.47
CA LEU B 266 13.55 28.07 -13.11
C LEU B 266 13.94 26.63 -13.38
N GLN B 267 15.07 26.24 -12.81
CA GLN B 267 15.55 24.89 -12.95
C GLN B 267 15.66 24.33 -11.55
N VAL B 268 14.59 23.65 -11.15
CA VAL B 268 14.39 23.21 -9.77
C VAL B 268 14.51 21.69 -9.72
N LEU B 269 15.46 21.24 -8.90
CA LEU B 269 15.76 19.81 -8.78
C LEU B 269 15.64 19.40 -7.33
N TRP B 270 14.66 18.55 -7.04
CA TRP B 270 14.50 18.04 -5.68
C TRP B 270 15.21 16.71 -5.45
N GLN B 271 15.83 16.57 -4.29
CA GLN B 271 16.61 15.40 -3.99
C GLN B 271 15.75 14.25 -3.45
N PRO B 272 15.92 13.05 -4.02
CA PRO B 272 15.26 11.89 -3.47
C PRO B 272 16.04 11.43 -2.28
N GLU B 273 15.39 10.73 -1.37
CA GLU B 273 16.00 10.28 -0.15
C GLU B 273 15.56 8.84 0.03
N ILE B 274 16.39 8.05 0.71
CA ILE B 274 16.05 6.66 1.02
C ILE B 274 15.26 6.52 2.35
N GLY B 275 14.09 5.91 2.27
CA GLY B 275 13.18 5.82 3.42
C GLY B 275 13.45 4.67 4.37
N GLU B 276 12.58 4.54 5.38
CA GLU B 276 12.65 3.44 6.34
C GLU B 276 11.89 2.25 5.77
N GLY B 277 12.53 1.09 5.78
CA GLY B 277 11.95 -0.14 5.26
C GLY B 277 12.49 -1.36 5.96
N GLU B 278 11.98 -2.52 5.60
CA GLU B 278 12.28 -3.76 6.30
C GLU B 278 12.80 -4.85 5.36
N THR B 279 13.16 -4.46 4.15
CA THR B 279 13.54 -5.41 3.12
C THR B 279 14.95 -5.23 2.57
N ASP B 280 15.69 -4.25 3.08
CA ASP B 280 17.12 -4.15 2.74
C ASP B 280 17.99 -4.64 3.90
N GLY B 281 18.39 -5.91 3.84
CA GLY B 281 19.24 -6.52 4.87
C GLY B 281 20.64 -6.84 4.41
N VAL B 282 21.53 -7.05 5.38
CA VAL B 282 22.94 -7.45 5.16
C VAL B 282 22.97 -8.77 4.39
N ASN B 283 23.82 -8.87 3.38
CA ASN B 283 23.90 -10.10 2.59
C ASN B 283 24.21 -11.32 3.48
N ARG B 284 23.15 -12.08 3.76
CA ARG B 284 23.16 -13.23 4.70
C ARG B 284 23.91 -13.01 6.03
N ARG C 5 -19.96 32.61 -27.16
CA ARG C 5 -19.29 31.28 -27.12
C ARG C 5 -17.79 31.43 -26.77
N THR C 6 -17.29 30.56 -25.90
CA THR C 6 -15.86 30.58 -25.55
C THR C 6 -15.15 29.40 -26.19
N ASP C 7 -15.94 28.45 -26.71
CA ASP C 7 -15.45 27.24 -27.35
C ASP C 7 -14.59 26.44 -26.38
N ALA C 8 -15.13 26.25 -25.18
CA ALA C 8 -14.43 25.60 -24.10
C ALA C 8 -15.44 24.91 -23.20
N ILE C 9 -15.18 23.63 -22.96
CA ILE C 9 -16.01 22.83 -22.08
C ILE C 9 -15.20 22.56 -20.82
N ALA C 10 -15.90 22.43 -19.70
CA ALA C 10 -15.27 22.15 -18.43
C ALA C 10 -15.69 20.78 -17.94
N LEU C 11 -14.72 20.03 -17.46
CA LEU C 11 -14.98 18.78 -16.76
C LEU C 11 -14.73 19.00 -15.28
N ALA C 12 -15.78 18.86 -14.48
CA ALA C 12 -15.64 18.94 -13.04
C ALA C 12 -15.67 17.54 -12.45
N TYR C 13 -14.85 17.35 -11.42
CA TYR C 13 -14.79 16.10 -10.67
C TYR C 13 -14.10 16.42 -9.35
N PRO C 14 -14.54 15.79 -8.25
CA PRO C 14 -13.91 16.12 -6.99
C PRO C 14 -12.62 15.34 -6.80
N SER C 15 -11.65 15.95 -6.09
CA SER C 15 -10.38 15.26 -5.83
C SER C 15 -10.52 14.24 -4.72
N ARG C 16 -11.59 14.39 -3.92
CA ARG C 16 -11.87 13.52 -2.77
C ARG C 16 -13.21 12.78 -2.96
N PRO C 17 -13.23 11.46 -2.73
CA PRO C 17 -12.12 10.57 -2.35
C PRO C 17 -11.21 10.21 -3.52
N ARG C 18 -9.90 10.29 -3.29
CA ARG C 18 -8.93 10.02 -4.34
C ARG C 18 -9.14 8.65 -4.99
N VAL C 19 -9.63 7.70 -4.21
CA VAL C 19 -9.81 6.31 -4.63
C VAL C 19 -10.57 6.11 -5.94
N LEU C 20 -11.52 7.01 -6.23
CA LEU C 20 -12.35 6.89 -7.44
C LEU C 20 -11.68 7.60 -8.63
N ASN C 21 -10.63 8.34 -8.34
CA ASN C 21 -9.84 9.02 -9.36
C ASN C 21 -8.72 8.13 -9.85
N ASN C 22 -9.07 7.09 -10.60
CA ASN C 22 -8.10 6.12 -11.07
C ASN C 22 -7.70 6.25 -12.53
N SER C 23 -6.93 5.29 -13.00
CA SER C 23 -6.36 5.36 -14.31
C SER C 23 -7.47 5.18 -15.34
N THR C 24 -8.47 4.35 -15.03
CA THR C 24 -9.62 4.16 -15.92
C THR C 24 -10.36 5.47 -16.10
N PHE C 25 -10.44 6.23 -15.02
CA PHE C 25 -11.09 7.53 -15.01
C PHE C 25 -10.29 8.54 -15.79
N LEU C 26 -8.97 8.48 -15.70
CA LEU C 26 -8.11 9.37 -16.49
C LEU C 26 -8.21 9.06 -17.99
N GLU C 27 -8.34 7.77 -18.30
CA GLU C 27 -8.35 7.32 -19.68
C GLU C 27 -9.58 7.92 -20.36
N MSE C 28 -10.66 8.04 -19.57
CA MSE C 28 -11.89 8.63 -20.06
C MSE C 28 -11.69 10.13 -20.27
O MSE C 28 -12.03 10.67 -21.33
CB MSE C 28 -13.03 8.36 -19.08
CG MSE C 28 -14.43 8.63 -19.66
SE MSE C 28 -15.74 8.80 -18.22
CE MSE C 28 -14.66 9.66 -16.85
N ILE C 29 -11.11 10.77 -19.25
CA ILE C 29 -10.77 12.18 -19.35
C ILE C 29 -9.93 12.41 -20.60
N SER C 30 -8.93 11.56 -20.78
CA SER C 30 -8.11 11.63 -21.98
C SER C 30 -8.98 11.65 -23.21
N TRP C 31 -9.82 10.64 -23.40
CA TRP C 31 -10.57 10.58 -24.68
C TRP C 31 -11.61 11.68 -24.83
N ILE C 32 -12.05 12.24 -23.71
CA ILE C 32 -13.00 13.33 -23.76
C ILE C 32 -12.28 14.52 -24.39
N GLY C 33 -11.08 14.80 -23.90
CA GLY C 33 -10.29 15.90 -24.44
C GLY C 33 -10.06 15.74 -25.93
N ILE C 34 -9.55 14.56 -26.28
CA ILE C 34 -9.22 14.23 -27.66
C ILE C 34 -10.42 14.42 -28.55
N GLU C 35 -11.58 13.92 -28.11
CA GLU C 35 -12.76 13.88 -28.94
C GLU C 35 -13.51 15.21 -28.99
N LEU C 36 -13.45 15.99 -27.90
CA LEU C 36 -13.96 17.35 -27.92
C LEU C 36 -13.04 18.18 -28.82
N GLY C 37 -11.73 17.94 -28.67
CA GLY C 37 -10.71 18.61 -29.46
C GLY C 37 -11.05 18.60 -30.93
N LYS C 38 -11.35 17.42 -31.46
CA LYS C 38 -11.65 17.29 -32.87
C LYS C 38 -13.10 17.69 -33.20
N ARG C 39 -13.72 18.45 -32.31
CA ARG C 39 -14.95 19.16 -32.64
C ARG C 39 -14.70 20.66 -32.43
N GLY C 40 -13.43 21.03 -32.30
CA GLY C 40 -13.02 22.41 -32.06
C GLY C 40 -13.35 22.93 -30.67
N LEU C 41 -13.44 22.05 -29.68
CA LEU C 41 -13.74 22.48 -28.32
C LEU C 41 -12.60 22.21 -27.37
N ASP C 42 -12.27 23.20 -26.55
CA ASP C 42 -11.23 23.06 -25.54
C ASP C 42 -11.78 22.38 -24.31
N LEU C 43 -10.92 21.65 -23.61
CA LEU C 43 -11.32 21.07 -22.34
C LEU C 43 -10.62 21.77 -21.17
N LEU C 44 -11.42 22.40 -20.31
CA LEU C 44 -10.99 22.99 -19.03
C LEU C 44 -11.22 21.96 -17.96
N LEU C 45 -10.26 21.79 -17.07
CA LEU C 45 -10.38 20.78 -16.06
C LEU C 45 -10.46 21.45 -14.71
N ILE C 46 -11.56 21.27 -14.01
CA ILE C 46 -11.68 21.81 -12.66
C ILE C 46 -11.90 20.70 -11.65
N PRO C 47 -10.79 20.14 -11.15
CA PRO C 47 -10.89 19.25 -10.02
C PRO C 47 -11.26 20.08 -8.82
N ASP C 48 -12.12 19.56 -7.96
CA ASP C 48 -12.51 20.34 -6.80
C ASP C 48 -11.56 20.19 -5.63
N GLU C 49 -11.26 21.32 -5.01
CA GLU C 49 -10.50 21.34 -3.74
C GLU C 49 -11.15 20.43 -2.68
N PRO C 50 -10.32 19.65 -1.94
CA PRO C 50 -10.87 18.89 -0.82
C PRO C 50 -11.70 19.81 0.08
N GLY C 51 -12.93 19.40 0.34
CA GLY C 51 -13.93 20.28 0.93
C GLY C 51 -15.19 20.26 0.09
N GLU C 52 -15.04 19.86 -1.18
CA GLU C 52 -16.13 19.74 -2.16
C GLU C 52 -17.11 20.93 -2.17
N LYS C 53 -16.57 22.14 -2.09
CA LYS C 53 -17.35 23.37 -2.11
C LYS C 53 -17.53 23.95 -3.52
N TYR C 54 -16.99 23.26 -4.52
CA TYR C 54 -17.07 23.61 -5.96
C TYR C 54 -17.01 25.10 -6.32
N GLN C 55 -16.09 25.80 -5.67
CA GLN C 55 -15.89 27.23 -5.86
C GLN C 55 -15.41 27.57 -7.28
N SER C 56 -14.50 26.77 -7.82
CA SER C 56 -14.03 27.00 -9.19
C SER C 56 -15.13 26.73 -10.24
N LEU C 57 -16.09 25.87 -9.90
CA LEU C 57 -17.23 25.56 -10.77
C LEU C 57 -18.14 26.77 -10.77
N ILE C 58 -18.51 27.22 -9.57
CA ILE C 58 -19.33 28.40 -9.38
C ILE C 58 -18.67 29.60 -10.07
N HIS C 59 -17.36 29.74 -9.89
CA HIS C 59 -16.59 30.78 -10.56
C HIS C 59 -16.77 30.65 -12.06
N LEU C 60 -16.54 29.44 -12.57
CA LEU C 60 -16.55 29.22 -14.00
C LEU C 60 -17.87 29.65 -14.61
N VAL C 61 -18.97 29.18 -14.01
CA VAL C 61 -20.31 29.42 -14.54
C VAL C 61 -20.63 30.92 -14.51
N GLU C 62 -20.60 31.51 -13.32
CA GLU C 62 -20.89 32.94 -13.16
C GLU C 62 -20.09 33.81 -14.11
N THR C 63 -18.86 33.39 -14.38
CA THR C 63 -17.95 34.17 -15.20
C THR C 63 -18.06 33.84 -16.70
N ARG C 64 -18.92 32.86 -17.03
CA ARG C 64 -19.14 32.38 -18.40
C ARG C 64 -17.84 32.08 -19.18
N ARG C 65 -16.91 31.36 -18.56
CA ARG C 65 -15.64 31.01 -19.20
C ARG C 65 -15.76 29.76 -20.07
N VAL C 66 -16.82 29.00 -19.84
CA VAL C 66 -17.11 27.79 -20.60
C VAL C 66 -18.51 27.82 -21.19
N ASP C 67 -18.70 27.15 -22.32
CA ASP C 67 -20.01 27.02 -22.94
C ASP C 67 -20.88 25.95 -22.23
N ALA C 68 -20.24 24.89 -21.70
CA ALA C 68 -20.96 23.79 -21.02
C ALA C 68 -20.13 23.09 -19.94
N LEU C 69 -20.81 22.26 -19.16
CA LEU C 69 -20.16 21.47 -18.12
C LEU C 69 -20.43 19.98 -18.24
N ILE C 70 -19.35 19.20 -18.12
CA ILE C 70 -19.43 17.76 -17.98
C ILE C 70 -19.14 17.52 -16.52
N VAL C 71 -19.99 16.76 -15.85
CA VAL C 71 -19.93 16.63 -14.41
C VAL C 71 -19.74 15.19 -13.97
N ALA C 72 -18.51 14.83 -13.63
CA ALA C 72 -18.17 13.47 -13.27
C ALA C 72 -18.45 13.18 -11.80
N HIS C 73 -18.65 11.90 -11.51
CA HIS C 73 -18.82 11.36 -10.15
C HIS C 73 -20.10 11.78 -9.45
N THR C 74 -21.20 11.74 -10.17
CA THR C 74 -22.47 12.22 -9.63
C THR C 74 -22.98 11.36 -8.48
N GLN C 75 -23.58 11.99 -7.48
CA GLN C 75 -24.30 11.25 -6.45
C GLN C 75 -25.79 11.57 -6.45
N PRO C 76 -26.61 10.79 -5.70
CA PRO C 76 -28.05 11.03 -5.62
C PRO C 76 -28.38 12.50 -5.38
N GLU C 77 -28.00 13.01 -4.21
CA GLU C 77 -28.08 14.45 -3.95
C GLU C 77 -26.76 15.06 -4.40
N ASP C 78 -26.79 15.81 -5.49
CA ASP C 78 -25.56 16.38 -6.04
C ASP C 78 -25.63 17.90 -6.14
N PHE C 79 -25.01 18.58 -5.18
CA PHE C 79 -25.13 20.04 -5.09
C PHE C 79 -24.63 20.79 -6.33
N ARG C 80 -23.69 20.17 -7.06
CA ARG C 80 -23.18 20.78 -8.29
C ARG C 80 -24.28 20.81 -9.33
N LEU C 81 -24.89 19.65 -9.59
CA LEU C 81 -25.98 19.58 -10.56
C LEU C 81 -27.14 20.49 -10.19
N GLN C 82 -27.55 20.48 -8.92
CA GLN C 82 -28.60 21.36 -8.43
C GLN C 82 -28.23 22.84 -8.64
N TYR C 83 -26.97 23.18 -8.38
CA TYR C 83 -26.50 24.56 -8.57
C TYR C 83 -26.68 25.03 -10.01
N LEU C 84 -26.16 24.29 -10.98
CA LEU C 84 -26.23 24.76 -12.35
C LEU C 84 -27.55 24.49 -13.06
N GLN C 85 -28.42 23.71 -12.43
CA GLN C 85 -29.80 23.59 -12.89
C GLN C 85 -30.56 24.87 -12.55
N LYS C 86 -30.40 25.38 -11.32
CA LYS C 86 -31.07 26.62 -10.92
C LYS C 86 -30.47 27.85 -11.62
N GLN C 87 -29.27 27.68 -12.17
CA GLN C 87 -28.62 28.76 -12.91
C GLN C 87 -28.87 28.60 -14.43
N ASN C 88 -29.62 27.56 -14.78
CA ASN C 88 -29.96 27.25 -16.17
C ASN C 88 -28.74 27.29 -17.11
N PHE C 89 -27.74 26.47 -16.77
CA PHE C 89 -26.48 26.38 -17.51
C PHE C 89 -26.36 25.04 -18.24
N PRO C 90 -25.90 25.07 -19.51
CA PRO C 90 -25.74 23.85 -20.30
C PRO C 90 -24.78 22.85 -19.66
N PHE C 91 -25.28 21.66 -19.33
CA PHE C 91 -24.45 20.63 -18.69
C PHE C 91 -24.86 19.20 -18.99
N LEU C 92 -23.88 18.30 -18.99
CA LEU C 92 -24.12 16.87 -19.20
C LEU C 92 -23.61 16.09 -18.02
N ALA C 93 -24.43 15.15 -17.54
CA ALA C 93 -24.09 14.39 -16.33
C ALA C 93 -23.57 13.01 -16.67
N LEU C 94 -22.37 12.72 -16.16
CA LEU C 94 -21.79 11.40 -16.29
C LEU C 94 -22.25 10.59 -15.09
N GLY C 95 -23.47 10.07 -15.18
CA GLY C 95 -24.12 9.37 -14.09
C GLY C 95 -25.45 10.02 -13.82
N ARG C 96 -26.21 9.48 -12.87
CA ARG C 96 -27.57 9.97 -12.63
C ARG C 96 -27.77 10.49 -11.23
N SER C 97 -28.83 11.27 -11.06
CA SER C 97 -29.05 11.99 -9.83
C SER C 97 -30.54 12.20 -9.70
N HIS C 98 -30.96 12.85 -8.61
CA HIS C 98 -32.38 13.20 -8.40
C HIS C 98 -32.61 14.70 -8.58
N LEU C 99 -33.07 15.08 -9.77
CA LEU C 99 -33.25 16.50 -10.09
C LEU C 99 -34.70 16.84 -10.44
N PRO C 100 -35.18 18.03 -10.00
CA PRO C 100 -36.62 18.35 -10.13
C PRO C 100 -37.06 18.51 -11.58
N LYS C 101 -36.18 19.03 -12.42
CA LYS C 101 -36.44 19.23 -13.84
C LYS C 101 -35.44 18.39 -14.64
N PRO C 102 -35.75 18.09 -15.92
CA PRO C 102 -34.94 17.16 -16.74
C PRO C 102 -33.49 17.61 -17.06
N TYR C 103 -32.56 16.67 -16.96
CA TYR C 103 -31.14 16.89 -17.27
C TYR C 103 -30.64 15.93 -18.34
N ALA C 104 -29.66 16.35 -19.12
CA ALA C 104 -28.98 15.45 -20.06
C ALA C 104 -28.02 14.53 -19.30
N TRP C 105 -28.04 13.25 -19.63
CA TRP C 105 -27.13 12.33 -18.97
C TRP C 105 -26.69 11.13 -19.80
N PHE C 106 -25.48 10.66 -19.49
CA PHE C 106 -24.93 9.43 -20.06
C PHE C 106 -24.55 8.51 -18.89
N ASP C 107 -24.97 7.25 -18.99
CA ASP C 107 -24.74 6.32 -17.90
C ASP C 107 -25.01 4.89 -18.36
N PHE C 108 -24.45 3.93 -17.63
CA PHE C 108 -24.73 2.52 -17.85
C PHE C 108 -25.86 2.09 -16.92
N ASP C 109 -26.67 1.16 -17.38
CA ASP C 109 -27.67 0.54 -16.51
C ASP C 109 -27.00 -0.36 -15.48
N ASN C 110 -26.50 0.25 -14.40
CA ASN C 110 -25.90 -0.46 -13.28
C ASN C 110 -26.79 -1.52 -12.62
N HIS C 111 -28.02 -1.13 -12.33
CA HIS C 111 -28.99 -2.04 -11.74
C HIS C 111 -29.03 -3.31 -12.59
N ALA C 112 -29.18 -3.15 -13.90
CA ALA C 112 -29.26 -4.28 -14.82
C ALA C 112 -28.03 -5.17 -14.63
N GLY C 113 -26.87 -4.52 -14.57
CA GLY C 113 -25.59 -5.16 -14.32
C GLY C 113 -25.63 -6.09 -13.13
N ALA C 114 -25.75 -5.53 -11.94
CA ALA C 114 -25.76 -6.34 -10.72
C ALA C 114 -26.75 -7.46 -10.86
N SER C 115 -27.94 -7.15 -11.40
CA SER C 115 -28.98 -8.16 -11.55
C SER C 115 -28.51 -9.34 -12.39
N LEU C 116 -27.82 -9.08 -13.51
CA LEU C 116 -27.50 -10.16 -14.43
C LEU C 116 -26.67 -11.14 -13.65
N ALA C 117 -25.70 -10.61 -12.93
CA ALA C 117 -24.77 -11.41 -12.16
C ALA C 117 -25.52 -12.31 -11.20
N VAL C 118 -26.53 -11.76 -10.53
CA VAL C 118 -27.31 -12.57 -9.63
C VAL C 118 -27.97 -13.70 -10.42
N LYS C 119 -28.64 -13.33 -11.51
CA LYS C 119 -29.41 -14.29 -12.32
C LYS C 119 -28.52 -15.41 -12.79
N ARG C 120 -27.26 -15.10 -13.08
CA ARG C 120 -26.37 -16.14 -13.57
C ARG C 120 -26.14 -17.16 -12.48
N LEU C 121 -25.81 -16.68 -11.29
CA LEU C 121 -25.52 -17.57 -10.17
C LEU C 121 -26.78 -18.35 -9.76
N LEU C 122 -27.93 -17.72 -9.88
CA LEU C 122 -29.18 -18.40 -9.60
C LEU C 122 -29.34 -19.60 -10.53
N GLU C 123 -29.15 -19.37 -11.83
CA GLU C 123 -29.32 -20.42 -12.85
C GLU C 123 -28.33 -21.56 -12.62
N LEU C 124 -27.18 -21.20 -12.07
CA LEU C 124 -26.08 -22.15 -11.79
C LEU C 124 -26.27 -22.94 -10.48
N GLY C 125 -27.34 -22.64 -9.76
CA GLY C 125 -27.68 -23.36 -8.53
C GLY C 125 -27.28 -22.68 -7.23
N HIS C 126 -26.80 -21.45 -7.33
CA HIS C 126 -26.33 -20.74 -6.15
C HIS C 126 -27.48 -20.03 -5.48
N GLN C 127 -27.54 -20.13 -4.17
CA GLN C 127 -28.50 -19.36 -3.39
C GLN C 127 -27.86 -18.49 -2.31
N ARG C 128 -26.76 -18.95 -1.73
CA ARG C 128 -26.02 -18.13 -0.76
C ARG C 128 -25.08 -17.18 -1.50
N ILE C 129 -25.65 -16.08 -2.01
CA ILE C 129 -24.89 -15.18 -2.84
C ILE C 129 -24.58 -13.91 -2.08
N ALA C 130 -23.33 -13.47 -2.19
CA ALA C 130 -22.80 -12.34 -1.44
C ALA C 130 -22.48 -11.19 -2.37
N PHE C 131 -22.57 -9.98 -1.84
CA PHE C 131 -22.28 -8.80 -2.62
C PHE C 131 -21.31 -7.95 -1.84
N VAL C 132 -20.18 -7.63 -2.46
CA VAL C 132 -19.22 -6.71 -1.88
C VAL C 132 -19.41 -5.38 -2.60
N SER C 133 -19.87 -4.37 -1.85
CA SER C 133 -20.25 -3.05 -2.38
C SER C 133 -19.25 -1.96 -2.03
N THR C 134 -19.05 -1.00 -2.93
CA THR C 134 -18.06 0.08 -2.74
C THR C 134 -18.52 1.06 -1.69
N ASP C 135 -17.66 1.39 -0.75
CA ASP C 135 -18.01 2.34 0.28
C ASP C 135 -17.85 3.80 -0.16
N ALA C 136 -18.68 4.23 -1.09
CA ALA C 136 -18.65 5.62 -1.55
C ALA C 136 -20.07 6.05 -1.89
N ARG C 137 -20.27 7.36 -2.00
CA ARG C 137 -21.60 7.94 -2.00
C ARG C 137 -22.09 8.23 -3.40
N ILE C 138 -21.34 7.79 -4.41
CA ILE C 138 -21.70 8.13 -5.78
C ILE C 138 -22.71 7.14 -6.41
N SER C 139 -23.47 7.61 -7.40
CA SER C 139 -24.74 6.95 -7.79
C SER C 139 -24.70 5.48 -8.23
N TYR C 140 -23.70 5.10 -9.01
CA TYR C 140 -23.63 3.71 -9.46
C TYR C 140 -23.58 2.75 -8.29
N VAL C 141 -22.94 3.17 -7.20
CA VAL C 141 -22.86 2.36 -5.97
C VAL C 141 -24.24 1.85 -5.53
N ASP C 142 -25.17 2.78 -5.33
CA ASP C 142 -26.44 2.40 -4.76
C ASP C 142 -27.33 1.68 -5.78
N GLN C 143 -27.08 1.95 -7.06
CA GLN C 143 -27.83 1.30 -8.14
C GLN C 143 -27.39 -0.15 -8.29
N ARG C 144 -26.12 -0.41 -8.00
CA ARG C 144 -25.62 -1.75 -8.12
C ARG C 144 -26.07 -2.53 -6.91
N LEU C 145 -26.03 -1.89 -5.74
CA LEU C 145 -26.48 -2.54 -4.53
C LEU C 145 -27.94 -2.96 -4.69
N GLN C 146 -28.78 -2.05 -5.18
CA GLN C 146 -30.22 -2.32 -5.29
C GLN C 146 -30.53 -3.38 -6.35
N GLY C 147 -29.79 -3.38 -7.44
CA GLY C 147 -29.86 -4.49 -8.40
C GLY C 147 -29.58 -5.84 -7.74
N TYR C 148 -28.79 -5.84 -6.68
CA TYR C 148 -28.53 -7.08 -5.98
C TYR C 148 -29.65 -7.42 -5.02
N VAL C 149 -29.95 -6.53 -4.07
CA VAL C 149 -30.97 -6.83 -3.04
C VAL C 149 -32.29 -7.23 -3.69
N GLN C 150 -32.59 -6.56 -4.79
CA GLN C 150 -33.90 -6.58 -5.38
C GLN C 150 -34.07 -7.79 -6.28
N THR C 151 -32.97 -8.29 -6.85
CA THR C 151 -33.05 -9.52 -7.62
C THR C 151 -33.13 -10.71 -6.68
N MSE C 152 -32.33 -10.65 -5.62
CA MSE C 152 -32.37 -11.62 -4.57
C MSE C 152 -33.81 -11.79 -4.06
O MSE C 152 -34.31 -12.91 -4.05
CB MSE C 152 -31.42 -11.23 -3.45
CG MSE C 152 -29.93 -11.38 -3.81
SE MSE C 152 -29.29 -13.24 -4.15
CE MSE C 152 -29.36 -13.91 -2.30
N SER C 153 -34.48 -10.70 -3.70
CA SER C 153 -35.83 -10.81 -3.16
C SER C 153 -36.77 -11.52 -4.13
N GLU C 154 -36.73 -11.12 -5.39
CA GLU C 154 -37.65 -11.64 -6.41
C GLU C 154 -37.35 -13.09 -6.80
N ALA C 155 -36.23 -13.61 -6.33
CA ALA C 155 -35.87 -15.00 -6.52
C ALA C 155 -36.31 -15.79 -5.32
N GLY C 156 -36.91 -15.10 -4.35
CA GLY C 156 -37.45 -15.75 -3.16
C GLY C 156 -36.44 -15.83 -2.05
N LEU C 157 -35.22 -15.44 -2.36
CA LEU C 157 -34.13 -15.46 -1.41
C LEU C 157 -34.01 -14.12 -0.71
N MSE C 158 -33.31 -14.13 0.41
CA MSE C 158 -32.95 -12.89 1.03
C MSE C 158 -31.68 -13.04 1.86
O MSE C 158 -31.63 -13.88 2.77
CB MSE C 158 -34.11 -12.40 1.86
CG MSE C 158 -34.53 -13.36 2.90
SE MSE C 158 -34.47 -12.22 4.44
CE MSE C 158 -35.57 -13.24 5.70
N PRO C 159 -30.65 -12.23 1.53
CA PRO C 159 -29.28 -12.34 1.99
C PRO C 159 -29.13 -12.53 3.50
N LEU C 160 -28.38 -13.55 3.89
CA LEU C 160 -28.01 -13.79 5.28
C LEU C 160 -27.12 -12.66 5.85
N ALA C 161 -27.27 -12.39 7.15
CA ALA C 161 -26.46 -11.36 7.82
C ALA C 161 -24.98 -11.58 7.54
N GLY C 162 -24.34 -10.55 6.98
CA GLY C 162 -22.92 -10.58 6.62
C GLY C 162 -22.67 -10.58 5.13
N TYR C 163 -23.66 -11.04 4.38
CA TYR C 163 -23.57 -11.24 2.94
C TYR C 163 -23.45 -9.95 2.15
N LEU C 164 -23.98 -8.87 2.74
CA LEU C 164 -23.84 -7.56 2.14
C LEU C 164 -22.64 -6.86 2.77
N GLN C 165 -21.51 -6.89 2.08
CA GLN C 165 -20.28 -6.35 2.63
C GLN C 165 -20.03 -4.98 2.05
N LYS C 166 -19.66 -4.03 2.89
CA LYS C 166 -19.20 -2.75 2.36
C LYS C 166 -17.68 -2.69 2.53
N ALA C 167 -17.00 -2.17 1.52
CA ALA C 167 -15.53 -2.06 1.54
C ALA C 167 -15.01 -0.86 0.74
N ASP C 168 -13.83 -0.38 1.13
CA ASP C 168 -13.08 0.60 0.37
C ASP C 168 -12.71 -0.09 -0.95
N PRO C 169 -12.96 0.57 -2.09
CA PRO C 169 -12.85 -0.09 -3.40
C PRO C 169 -11.42 -0.35 -3.84
N THR C 170 -10.73 -1.19 -3.09
CA THR C 170 -9.33 -1.47 -3.34
C THR C 170 -9.08 -2.94 -3.13
N ARG C 171 -7.90 -3.39 -3.55
CA ARG C 171 -7.54 -4.77 -3.42
C ARG C 171 -7.56 -5.17 -1.96
N PRO C 172 -7.00 -4.34 -1.06
CA PRO C 172 -7.15 -4.66 0.35
C PRO C 172 -8.58 -4.67 0.85
N GLY C 173 -9.46 -3.88 0.25
CA GLY C 173 -10.86 -3.85 0.64
C GLY C 173 -11.53 -5.16 0.28
N GLY C 174 -11.38 -5.57 -0.97
CA GLY C 174 -11.87 -6.86 -1.44
C GLY C 174 -11.36 -8.02 -0.59
N TYR C 175 -10.04 -8.02 -0.37
CA TYR C 175 -9.39 -9.04 0.46
C TYR C 175 -10.10 -9.25 1.80
N LEU C 176 -10.29 -8.17 2.54
CA LEU C 176 -10.80 -8.29 3.88
C LEU C 176 -12.25 -8.68 3.83
N ALA C 177 -12.98 -8.18 2.83
CA ALA C 177 -14.38 -8.53 2.73
C ALA C 177 -14.44 -10.02 2.55
N ALA C 178 -13.56 -10.55 1.72
CA ALA C 178 -13.49 -11.97 1.49
C ALA C 178 -13.25 -12.71 2.80
N SER C 179 -12.29 -12.24 3.59
CA SER C 179 -11.96 -12.91 4.85
C SER C 179 -13.14 -12.83 5.81
N ARG C 180 -13.80 -11.69 5.85
CA ARG C 180 -14.96 -11.51 6.71
C ARG C 180 -16.05 -12.47 6.33
N LEU C 181 -16.28 -12.61 5.02
CA LEU C 181 -17.32 -13.49 4.52
C LEU C 181 -16.98 -14.95 4.81
N LEU C 182 -15.69 -15.26 4.74
CA LEU C 182 -15.25 -16.63 4.91
C LEU C 182 -15.36 -17.05 6.35
N ALA C 183 -15.29 -16.07 7.24
CA ALA C 183 -15.37 -16.29 8.69
C ALA C 183 -16.80 -16.43 9.20
N LEU C 184 -17.79 -16.14 8.35
CA LEU C 184 -19.19 -16.35 8.71
C LEU C 184 -19.47 -17.82 9.00
N GLU C 185 -20.52 -18.08 9.79
CA GLU C 185 -20.91 -19.45 10.11
C GLU C 185 -21.41 -20.25 8.92
N VAL C 186 -22.08 -19.59 7.98
CA VAL C 186 -22.51 -20.22 6.72
C VAL C 186 -22.02 -19.39 5.51
N PRO C 187 -20.72 -19.53 5.15
CA PRO C 187 -20.13 -18.69 4.11
C PRO C 187 -20.91 -18.75 2.81
N PRO C 188 -20.93 -17.65 2.03
CA PRO C 188 -21.59 -17.67 0.73
C PRO C 188 -21.03 -18.77 -0.14
N THR C 189 -21.77 -19.22 -1.15
CA THR C 189 -21.19 -20.11 -2.13
C THR C 189 -20.80 -19.35 -3.37
N ALA C 190 -21.18 -18.08 -3.44
CA ALA C 190 -20.75 -17.19 -4.54
C ALA C 190 -20.74 -15.74 -4.09
N ILE C 191 -19.79 -14.99 -4.63
CA ILE C 191 -19.60 -13.60 -4.30
C ILE C 191 -19.69 -12.78 -5.58
N ILE C 192 -20.47 -11.70 -5.52
CA ILE C 192 -20.47 -10.72 -6.59
C ILE C 192 -19.74 -9.48 -6.09
N THR C 193 -18.91 -8.87 -6.95
CA THR C 193 -18.28 -7.58 -6.57
C THR C 193 -18.68 -6.38 -7.42
N ASP C 194 -19.11 -5.35 -6.71
CA ASP C 194 -19.23 -3.96 -7.16
C ASP C 194 -18.33 -3.42 -8.26
N CYS C 195 -17.03 -3.60 -8.11
CA CYS C 195 -16.06 -2.98 -9.02
C CYS C 195 -14.92 -3.94 -9.23
N ASN C 196 -13.92 -3.57 -10.03
CA ASN C 196 -12.90 -4.57 -10.40
C ASN C 196 -11.76 -4.71 -9.41
N MSE C 197 -11.42 -3.60 -8.77
CA MSE C 197 -10.42 -3.62 -7.71
C MSE C 197 -10.87 -4.51 -6.56
O MSE C 197 -10.06 -5.27 -6.00
CB MSE C 197 -10.10 -2.20 -7.24
CG MSE C 197 -8.59 -1.90 -7.20
SE MSE C 197 -7.61 -2.61 -8.77
CE MSE C 197 -5.99 -1.52 -8.63
N LEU C 198 -12.16 -4.45 -6.23
CA LEU C 198 -12.72 -5.35 -5.22
C LEU C 198 -12.63 -6.84 -5.64
N GLY C 199 -13.08 -7.13 -6.87
CA GLY C 199 -12.98 -8.46 -7.44
C GLY C 199 -11.61 -9.08 -7.31
N ASP C 200 -10.58 -8.31 -7.65
CA ASP C 200 -9.19 -8.76 -7.52
C ASP C 200 -8.83 -9.07 -6.06
N GLY C 201 -9.33 -8.23 -5.15
CA GLY C 201 -9.13 -8.44 -3.72
C GLY C 201 -9.75 -9.75 -3.32
N VAL C 202 -11.06 -9.88 -3.53
CA VAL C 202 -11.73 -11.12 -3.22
C VAL C 202 -10.98 -12.29 -3.84
N ALA C 203 -10.74 -12.26 -5.15
CA ALA C 203 -10.08 -13.37 -5.84
C ALA C 203 -8.75 -13.74 -5.22
N SER C 204 -7.90 -12.74 -4.96
CA SER C 204 -6.64 -12.97 -4.26
C SER C 204 -6.90 -13.79 -3.03
N ALA C 205 -7.82 -13.32 -2.19
CA ALA C 205 -8.16 -14.03 -0.96
C ALA C 205 -8.64 -15.46 -1.16
N LEU C 206 -9.58 -15.68 -2.07
CA LEU C 206 -10.05 -17.04 -2.32
C LEU C 206 -8.92 -17.96 -2.76
N ASP C 207 -8.03 -17.41 -3.58
CA ASP C 207 -6.96 -18.15 -4.18
C ASP C 207 -5.95 -18.58 -3.12
N LYS C 208 -5.50 -17.63 -2.29
CA LYS C 208 -4.59 -17.94 -1.20
C LYS C 208 -5.23 -18.98 -0.28
N ALA C 209 -6.56 -19.00 -0.25
CA ALA C 209 -7.32 -19.85 0.67
C ALA C 209 -7.63 -21.24 0.09
N GLY C 210 -7.39 -21.39 -1.22
CA GLY C 210 -7.67 -22.62 -1.97
C GLY C 210 -9.04 -22.71 -2.64
N LEU C 211 -9.81 -21.62 -2.65
CA LEU C 211 -11.22 -21.71 -2.99
C LEU C 211 -11.65 -20.97 -4.26
N LEU C 212 -10.67 -20.58 -5.07
CA LEU C 212 -10.99 -19.89 -6.34
C LEU C 212 -10.93 -20.84 -7.53
N GLY C 213 -11.99 -20.82 -8.34
CA GLY C 213 -12.06 -21.66 -9.53
C GLY C 213 -12.27 -23.12 -9.20
N GLY C 214 -12.70 -23.89 -10.20
CA GLY C 214 -12.98 -25.31 -10.02
C GLY C 214 -14.24 -25.48 -9.21
N GLU C 215 -14.15 -26.17 -8.08
CA GLU C 215 -15.31 -26.38 -7.23
C GLU C 215 -15.26 -25.48 -6.00
N GLY C 216 -14.60 -24.34 -6.15
CA GLY C 216 -14.56 -23.37 -5.07
C GLY C 216 -15.78 -22.45 -4.99
N ILE C 217 -15.53 -21.18 -4.70
CA ILE C 217 -16.57 -20.20 -4.52
C ILE C 217 -16.64 -19.38 -5.82
N SER C 218 -17.84 -19.28 -6.38
CA SER C 218 -17.98 -18.61 -7.65
C SER C 218 -17.82 -17.11 -7.46
N LEU C 219 -17.26 -16.46 -8.47
CA LEU C 219 -17.01 -15.05 -8.37
C LEU C 219 -17.30 -14.35 -9.69
N ILE C 220 -18.16 -13.34 -9.62
CA ILE C 220 -18.43 -12.50 -10.75
C ILE C 220 -18.08 -11.08 -10.36
N ALA C 221 -17.20 -10.45 -11.13
CA ALA C 221 -16.72 -9.12 -10.80
C ALA C 221 -17.14 -8.10 -11.85
N TYR C 222 -17.69 -6.99 -11.39
CA TYR C 222 -17.95 -5.88 -12.28
C TYR C 222 -16.65 -5.45 -12.94
N ASP C 223 -16.68 -5.32 -14.27
CA ASP C 223 -15.49 -5.07 -15.12
C ASP C 223 -14.37 -6.10 -15.02
N GLY C 224 -14.71 -7.34 -14.70
CA GLY C 224 -13.71 -8.42 -14.62
C GLY C 224 -12.53 -8.07 -13.73
N LEU C 225 -11.37 -8.63 -14.04
CA LEU C 225 -10.19 -8.30 -13.27
C LEU C 225 -9.55 -7.03 -13.80
N PRO C 226 -8.83 -6.29 -12.94
CA PRO C 226 -8.08 -5.18 -13.48
C PRO C 226 -6.98 -5.68 -14.42
N ASP C 227 -6.38 -4.76 -15.16
CA ASP C 227 -5.41 -5.08 -16.20
C ASP C 227 -4.07 -5.44 -15.60
N ASP C 228 -3.87 -5.04 -14.35
CA ASP C 228 -2.61 -5.26 -13.69
C ASP C 228 -2.71 -6.34 -12.61
N SER C 229 -3.65 -7.25 -12.78
CA SER C 229 -3.89 -8.28 -11.79
C SER C 229 -2.85 -9.36 -11.87
N LEU C 230 -2.58 -10.01 -10.73
CA LEU C 230 -1.63 -11.14 -10.70
C LEU C 230 -2.27 -12.52 -10.74
N LEU C 231 -3.60 -12.58 -10.80
CA LEU C 231 -4.32 -13.87 -10.84
C LEU C 231 -4.26 -14.60 -12.19
N ASP C 232 -3.94 -15.88 -12.14
CA ASP C 232 -3.87 -16.74 -13.33
C ASP C 232 -5.22 -16.96 -14.00
N ILE C 233 -6.26 -17.12 -13.18
CA ILE C 233 -7.63 -17.39 -13.59
C ILE C 233 -8.27 -16.24 -14.39
N ALA C 234 -9.35 -16.55 -15.13
CA ALA C 234 -10.18 -15.53 -15.77
C ALA C 234 -11.49 -15.45 -15.01
N VAL C 235 -11.74 -14.28 -14.46
CA VAL C 235 -12.87 -14.10 -13.57
C VAL C 235 -14.05 -13.60 -14.37
N THR C 236 -15.14 -14.35 -14.32
CA THR C 236 -16.36 -14.00 -15.00
C THR C 236 -16.74 -12.55 -14.71
N PRO C 237 -16.88 -11.74 -15.77
CA PRO C 237 -17.12 -10.31 -15.60
C PRO C 237 -18.51 -9.83 -16.01
N ILE C 238 -18.91 -8.72 -15.44
CA ILE C 238 -19.96 -7.89 -16.01
C ILE C 238 -19.20 -6.83 -16.80
N VAL C 239 -19.49 -6.77 -18.09
CA VAL C 239 -18.77 -5.94 -19.05
C VAL C 239 -19.58 -4.70 -19.36
N GLN C 240 -18.94 -3.55 -19.34
CA GLN C 240 -19.54 -2.31 -19.82
C GLN C 240 -18.89 -1.99 -21.15
N ASN C 241 -19.53 -2.42 -22.23
CA ASN C 241 -18.92 -2.35 -23.57
C ASN C 241 -18.75 -0.94 -24.15
N THR C 242 -17.54 -0.40 -23.97
CA THR C 242 -17.02 0.71 -24.77
C THR C 242 -16.83 0.15 -26.20
N ARG C 243 -17.95 -0.04 -26.91
CA ARG C 243 -17.91 -0.50 -28.30
C ARG C 243 -17.63 0.68 -29.25
N THR C 244 -18.53 1.67 -29.27
CA THR C 244 -18.18 3.02 -29.70
C THR C 244 -17.68 3.76 -28.45
N SER C 245 -16.65 4.58 -28.59
CA SER C 245 -16.02 5.18 -27.41
C SER C 245 -16.93 6.08 -26.59
N VAL C 246 -16.83 5.91 -25.28
CA VAL C 246 -17.47 6.77 -24.30
C VAL C 246 -17.06 8.20 -24.58
N GLY C 247 -15.74 8.41 -24.66
CA GLY C 247 -15.18 9.69 -25.06
C GLY C 247 -15.87 10.32 -26.26
N LYS C 248 -16.09 9.55 -27.32
CA LYS C 248 -16.68 10.10 -28.55
C LYS C 248 -18.15 10.44 -28.34
N GLN C 249 -18.85 9.54 -27.62
CA GLN C 249 -20.27 9.70 -27.35
C GLN C 249 -20.57 10.96 -26.54
N ILE C 250 -19.72 11.25 -25.55
CA ILE C 250 -19.84 12.46 -24.75
C ILE C 250 -19.73 13.71 -25.63
N ALA C 251 -18.66 13.79 -26.42
CA ALA C 251 -18.47 14.91 -27.33
C ALA C 251 -19.66 15.08 -28.28
N SER C 252 -20.20 13.98 -28.79
CA SER C 252 -21.36 14.05 -29.69
C SER C 252 -22.56 14.67 -28.98
N MSE C 253 -22.74 14.29 -27.72
CA MSE C 253 -23.83 14.80 -26.91
C MSE C 253 -23.64 16.27 -26.54
O MSE C 253 -24.61 17.03 -26.46
CB MSE C 253 -24.00 13.97 -25.64
CG MSE C 253 -24.62 12.62 -25.89
SE MSE C 253 -24.67 11.56 -24.27
CE MSE C 253 -26.41 12.15 -23.61
N ILE C 254 -22.39 16.68 -26.34
CA ILE C 254 -22.12 18.05 -25.95
C ILE C 254 -22.45 19.01 -27.08
N CYS C 255 -22.15 18.60 -28.32
CA CYS C 255 -22.42 19.43 -29.49
C CYS C 255 -23.91 19.50 -29.77
N ASP C 256 -24.61 18.41 -29.45
CA ASP C 256 -26.06 18.36 -29.53
C ASP C 256 -26.64 19.34 -28.50
N LEU C 257 -26.06 19.36 -27.30
CA LEU C 257 -26.49 20.28 -26.23
C LEU C 257 -26.23 21.74 -26.60
N LEU C 258 -24.99 22.07 -26.93
CA LEU C 258 -24.61 23.41 -27.38
C LEU C 258 -25.44 23.88 -28.58
N GLY C 259 -25.81 22.94 -29.46
CA GLY C 259 -26.59 23.23 -30.65
C GLY C 259 -28.05 23.55 -30.35
N GLY C 260 -28.41 23.51 -29.07
CA GLY C 260 -29.77 23.86 -28.63
C GLY C 260 -30.72 22.72 -28.35
N LYS C 261 -30.23 21.48 -28.47
CA LYS C 261 -31.04 20.28 -28.25
C LYS C 261 -31.57 20.21 -26.83
N ASP C 262 -32.84 19.85 -26.72
CA ASP C 262 -33.52 19.66 -25.45
C ASP C 262 -32.79 18.62 -24.62
N PRO C 263 -32.41 18.98 -23.36
CA PRO C 263 -31.78 17.99 -22.46
C PRO C 263 -32.59 16.70 -22.30
N LYS C 264 -33.91 16.83 -22.19
CA LYS C 264 -34.82 15.69 -22.09
C LYS C 264 -34.51 14.66 -23.16
N GLU C 265 -34.08 15.14 -24.33
CA GLU C 265 -33.76 14.27 -25.46
C GLU C 265 -32.43 13.51 -25.25
N LEU C 266 -31.49 14.15 -24.56
CA LEU C 266 -30.15 13.63 -24.39
C LEU C 266 -29.93 12.79 -23.11
N GLN C 267 -30.63 11.66 -23.02
CA GLN C 267 -30.50 10.76 -21.88
C GLN C 267 -30.16 9.41 -22.46
N VAL C 268 -28.91 9.00 -22.31
CA VAL C 268 -28.41 7.82 -23.01
C VAL C 268 -28.00 6.75 -22.00
N LEU C 269 -28.71 5.63 -22.05
CA LEU C 269 -28.43 4.50 -21.18
C LEU C 269 -27.88 3.32 -21.98
N TRP C 270 -26.62 2.98 -21.74
CA TRP C 270 -26.02 1.81 -22.37
C TRP C 270 -26.12 0.58 -21.46
N GLN C 271 -26.31 -0.56 -22.09
CA GLN C 271 -26.63 -1.80 -21.39
C GLN C 271 -25.40 -2.71 -21.15
N PRO C 272 -25.05 -2.96 -19.86
CA PRO C 272 -24.00 -3.93 -19.53
C PRO C 272 -24.39 -5.31 -19.95
N GLU C 273 -23.40 -6.16 -20.10
CA GLU C 273 -23.64 -7.52 -20.51
C GLU C 273 -22.75 -8.39 -19.66
N ILE C 274 -23.13 -9.65 -19.51
CA ILE C 274 -22.31 -10.60 -18.79
C ILE C 274 -21.38 -11.37 -19.76
N GLY C 275 -20.08 -11.39 -19.45
CA GLY C 275 -19.09 -12.01 -20.31
C GLY C 275 -18.81 -13.47 -20.02
N GLU C 276 -17.67 -13.95 -20.50
CA GLU C 276 -17.22 -15.34 -20.29
C GLU C 276 -16.05 -15.41 -19.30
N GLY C 277 -16.04 -16.46 -18.50
CA GLY C 277 -15.00 -16.69 -17.50
C GLY C 277 -15.00 -18.06 -16.84
N GLU C 278 -13.96 -18.30 -16.05
CA GLU C 278 -13.73 -19.60 -15.42
C GLU C 278 -14.16 -19.63 -13.95
N THR C 279 -14.74 -18.53 -13.44
CA THR C 279 -15.12 -18.46 -12.02
C THR C 279 -16.61 -18.39 -11.74
N ASP C 280 -17.42 -18.86 -12.68
CA ASP C 280 -18.87 -18.95 -12.48
C ASP C 280 -19.34 -20.38 -12.81
N GLY C 281 -19.42 -21.23 -11.79
CA GLY C 281 -19.75 -22.63 -12.00
C GLY C 281 -20.90 -23.16 -11.18
N VAL C 282 -21.35 -24.36 -11.54
CA VAL C 282 -22.45 -25.05 -10.88
C VAL C 282 -22.17 -25.21 -9.40
N ASN C 283 -23.19 -25.07 -8.56
CA ASN C 283 -23.02 -25.09 -7.13
C ASN C 283 -22.84 -26.49 -6.57
N ARG C 284 -21.66 -26.72 -5.97
CA ARG C 284 -21.35 -28.01 -5.32
C ARG C 284 -20.73 -27.80 -3.93
N ARG C 285 -21.42 -27.01 -3.09
CA ARG C 285 -21.04 -26.83 -1.68
C ARG C 285 -22.20 -26.30 -0.83
#